data_4JIY
# 
_entry.id   4JIY 
# 
_audit_conform.dict_name       mmcif_pdbx.dic 
_audit_conform.dict_version    5.387 
_audit_conform.dict_location   http://mmcif.pdb.org/dictionaries/ascii/mmcif_pdbx.dic 
# 
loop_
_database_2.database_id 
_database_2.database_code 
_database_2.pdbx_database_accession 
_database_2.pdbx_DOI 
PDB   4JIY         pdb_00004jiy 10.2210/pdb4jiy/pdb 
NDB   NA2298       ?            ?                   
RCSB  RCSB078104   ?            ?                   
WWPDB D_1000078104 ?            ?                   
# 
loop_
_pdbx_audit_revision_history.ordinal 
_pdbx_audit_revision_history.data_content_type 
_pdbx_audit_revision_history.major_revision 
_pdbx_audit_revision_history.minor_revision 
_pdbx_audit_revision_history.revision_date 
1 'Structure model' 1 0 2013-09-04 
2 'Structure model' 1 1 2013-10-02 
3 'Structure model' 1 2 2013-11-06 
4 'Structure model' 1 3 2024-02-28 
# 
_pdbx_audit_revision_details.ordinal             1 
_pdbx_audit_revision_details.revision_ordinal    1 
_pdbx_audit_revision_details.data_content_type   'Structure model' 
_pdbx_audit_revision_details.provider            repository 
_pdbx_audit_revision_details.type                'Initial release' 
_pdbx_audit_revision_details.description         ? 
_pdbx_audit_revision_details.details             ? 
# 
loop_
_pdbx_audit_revision_group.ordinal 
_pdbx_audit_revision_group.revision_ordinal 
_pdbx_audit_revision_group.data_content_type 
_pdbx_audit_revision_group.group 
1 2 'Structure model' 'Database references'  
2 3 'Structure model' 'Database references'  
3 4 'Structure model' 'Data collection'      
4 4 'Structure model' 'Database references'  
5 4 'Structure model' 'Derived calculations' 
# 
loop_
_pdbx_audit_revision_category.ordinal 
_pdbx_audit_revision_category.revision_ordinal 
_pdbx_audit_revision_category.data_content_type 
_pdbx_audit_revision_category.category 
1 4 'Structure model' chem_comp_atom         
2 4 'Structure model' chem_comp_bond         
3 4 'Structure model' database_2             
4 4 'Structure model' pdbx_struct_conn_angle 
5 4 'Structure model' struct_conn            
6 4 'Structure model' struct_site            
# 
loop_
_pdbx_audit_revision_item.ordinal 
_pdbx_audit_revision_item.revision_ordinal 
_pdbx_audit_revision_item.data_content_type 
_pdbx_audit_revision_item.item 
1  4 'Structure model' '_database_2.pdbx_DOI'                        
2  4 'Structure model' '_database_2.pdbx_database_accession'         
3  4 'Structure model' '_pdbx_struct_conn_angle.ptnr1_auth_seq_id'   
4  4 'Structure model' '_pdbx_struct_conn_angle.ptnr1_label_asym_id' 
5  4 'Structure model' '_pdbx_struct_conn_angle.ptnr1_label_atom_id' 
6  4 'Structure model' '_pdbx_struct_conn_angle.ptnr2_auth_seq_id'   
7  4 'Structure model' '_pdbx_struct_conn_angle.ptnr2_label_asym_id' 
8  4 'Structure model' '_pdbx_struct_conn_angle.ptnr3_auth_seq_id'   
9  4 'Structure model' '_pdbx_struct_conn_angle.ptnr3_label_asym_id' 
10 4 'Structure model' '_pdbx_struct_conn_angle.ptnr3_label_atom_id' 
11 4 'Structure model' '_pdbx_struct_conn_angle.value'               
12 4 'Structure model' '_struct_conn.pdbx_dist_value'                
13 4 'Structure model' '_struct_conn.ptnr1_auth_seq_id'              
14 4 'Structure model' '_struct_conn.ptnr1_label_asym_id'            
15 4 'Structure model' '_struct_conn.ptnr1_label_atom_id'            
16 4 'Structure model' '_struct_conn.ptnr2_auth_seq_id'              
17 4 'Structure model' '_struct_conn.ptnr2_label_asym_id'            
18 4 'Structure model' '_struct_site.pdbx_auth_asym_id'              
19 4 'Structure model' '_struct_site.pdbx_auth_comp_id'              
20 4 'Structure model' '_struct_site.pdbx_auth_seq_id'               
# 
_pdbx_database_status.status_code                     REL 
_pdbx_database_status.entry_id                        4JIY 
_pdbx_database_status.recvd_initial_deposition_date   2013-03-07 
_pdbx_database_status.deposit_site                    RCSB 
_pdbx_database_status.process_site                    RCSB 
_pdbx_database_status.status_code_sf                  REL 
_pdbx_database_status.status_code_mr                  ? 
_pdbx_database_status.SG_entry                        ? 
_pdbx_database_status.status_code_cs                  ? 
_pdbx_database_status.methods_development_category    ? 
_pdbx_database_status.pdb_format_compatible           Y 
_pdbx_database_status.status_code_nmr_data            ? 
# 
loop_
_pdbx_database_related.db_name 
_pdbx_database_related.db_id 
_pdbx_database_related.details 
_pdbx_database_related.content_type 
PDB 2ET0 
'The structure of a three-way DNA junction in complex with a metallo-supramolecular helicate reveals a new target for drugs' 
unspecified 
PDB 3FX8 
;Distinct recognition of three-way DNA junctions by a thioester variant of a metallo-supramolecular cylinder ('helicate')
;
unspecified 
PDB 3I1D 
;Distinct recognition of three-way DNA junctions by the two enantiomers of a metallo-supramolecular cylinder ('helicate')
;
unspecified 
# 
loop_
_audit_author.name 
_audit_author.pdbx_ordinal 
'Sigel, R.K.O.'  1 
'Schnabl, J.A.'  2 
'Freisinger, E.' 3 
'Spingler, B.'   4 
'Hannon, M.J.'   5 
# 
_citation.id                        primary 
_citation.title                     'Binding of a designed anti-cancer drug to the central cavity of an RNA three-way junction.' 
_citation.journal_abbrev            Angew.Chem.Int.Ed.Engl. 
_citation.journal_volume            52 
_citation.page_first                11513 
_citation.page_last                 11516 
_citation.year                      2013 
_citation.journal_id_ASTM           ? 
_citation.country                   GE 
_citation.journal_id_ISSN           1433-7851 
_citation.journal_id_CSD            9999 
_citation.book_publisher            ? 
_citation.pdbx_database_id_PubMed   24039102 
_citation.pdbx_database_id_DOI      10.1002/anie.201305079 
# 
loop_
_citation_author.citation_id 
_citation_author.name 
_citation_author.ordinal 
_citation_author.identifier_ORCID 
primary 'Phongtongpasuk, S.' 1 ? 
primary 'Paulus, S.'         2 ? 
primary 'Schnabl, J.'        3 ? 
primary 'Sigel, R.K.'        4 ? 
primary 'Spingler, B.'       5 ? 
primary 'Hannon, M.J.'       6 ? 
primary 'Freisinger, E.'     7 ? 
# 
loop_
_entity.id 
_entity.type 
_entity.src_method 
_entity.pdbx_description 
_entity.formula_weight 
_entity.pdbx_number_of_molecules 
_entity.pdbx_ec 
_entity.pdbx_mutation 
_entity.pdbx_fragment 
_entity.details 
1 polymer     syn "5'-(CGUACG)-3'"                                                                                1891.189 1  ? ? 
? ? 
2 non-polymer syn 'N-[(1E)-PYRIDIN-2-YLMETHYLENE]-N-[4-(4-{[(1E)-PYRIDIN-2-YLMETHYLENE]AMINO}BENZYL)PHENYL]AMINE' 376.453  2  ? ? 
? ? 
3 non-polymer syn 'FE (II) ION'                                                                                   55.845   4  ? ? 
? ? 
4 water       nat water                                                                                           18.015   39 ? ? 
? ? 
# 
_entity_poly.entity_id                      1 
_entity_poly.type                           polyribonucleotide 
_entity_poly.nstd_linkage                   no 
_entity_poly.nstd_monomer                   no 
_entity_poly.pdbx_seq_one_letter_code       CGUACG 
_entity_poly.pdbx_seq_one_letter_code_can   CGUACG 
_entity_poly.pdbx_strand_id                 A 
_entity_poly.pdbx_target_identifier         ? 
# 
loop_
_pdbx_entity_nonpoly.entity_id 
_pdbx_entity_nonpoly.name 
_pdbx_entity_nonpoly.comp_id 
2 'N-[(1E)-PYRIDIN-2-YLMETHYLENE]-N-[4-(4-{[(1E)-PYRIDIN-2-YLMETHYLENE]AMINO}BENZYL)PHENYL]AMINE' NPM 
3 'FE (II) ION'                                                                                   FE2 
4 water                                                                                           HOH 
# 
loop_
_entity_poly_seq.entity_id 
_entity_poly_seq.num 
_entity_poly_seq.mon_id 
_entity_poly_seq.hetero 
1 1 C n 
1 2 G n 
1 3 U n 
1 4 A n 
1 5 C n 
1 6 G n 
# 
loop_
_chem_comp.id 
_chem_comp.type 
_chem_comp.mon_nstd_flag 
_chem_comp.name 
_chem_comp.pdbx_synonyms 
_chem_comp.formula 
_chem_comp.formula_weight 
A   'RNA linking' y "ADENOSINE-5'-MONOPHOSPHATE"                                                                    ? 
'C10 H14 N5 O7 P' 347.221 
C   'RNA linking' y "CYTIDINE-5'-MONOPHOSPHATE"                                                                     ? 
'C9 H14 N3 O8 P'  323.197 
FE2 non-polymer   . 'FE (II) ION'                                                                                   ? 'Fe 2' 
55.845  
G   'RNA linking' y "GUANOSINE-5'-MONOPHOSPHATE"                                                                    ? 
'C10 H14 N5 O8 P' 363.221 
HOH non-polymer   . WATER                                                                                           ? 'H2 O' 
18.015  
NPM non-polymer   . 'N-[(1E)-PYRIDIN-2-YLMETHYLENE]-N-[4-(4-{[(1E)-PYRIDIN-2-YLMETHYLENE]AMINO}BENZYL)PHENYL]AMINE' 
'1,1-BIS(N-(4-PHENYL)-2-PYRIDYLCARBOXALDIMINE)METHANE' 'C25 H20 N4'      376.453 
U   'RNA linking' y "URIDINE-5'-MONOPHOSPHATE"                                                                      ? 
'C9 H13 N2 O9 P'  324.181 
# 
loop_
_pdbx_poly_seq_scheme.asym_id 
_pdbx_poly_seq_scheme.entity_id 
_pdbx_poly_seq_scheme.seq_id 
_pdbx_poly_seq_scheme.mon_id 
_pdbx_poly_seq_scheme.ndb_seq_num 
_pdbx_poly_seq_scheme.pdb_seq_num 
_pdbx_poly_seq_scheme.auth_seq_num 
_pdbx_poly_seq_scheme.pdb_mon_id 
_pdbx_poly_seq_scheme.auth_mon_id 
_pdbx_poly_seq_scheme.pdb_strand_id 
_pdbx_poly_seq_scheme.pdb_ins_code 
_pdbx_poly_seq_scheme.hetero 
A 1 1 C 1 1 1 C C A . n 
A 1 2 G 2 2 2 G G A . n 
A 1 3 U 3 3 3 U U A . n 
A 1 4 A 4 4 4 A A A . n 
A 1 5 C 5 5 5 C C A . n 
A 1 6 G 6 6 6 G G A . n 
# 
loop_
_pdbx_nonpoly_scheme.asym_id 
_pdbx_nonpoly_scheme.entity_id 
_pdbx_nonpoly_scheme.mon_id 
_pdbx_nonpoly_scheme.ndb_seq_num 
_pdbx_nonpoly_scheme.pdb_seq_num 
_pdbx_nonpoly_scheme.auth_seq_num 
_pdbx_nonpoly_scheme.pdb_mon_id 
_pdbx_nonpoly_scheme.auth_mon_id 
_pdbx_nonpoly_scheme.pdb_strand_id 
_pdbx_nonpoly_scheme.pdb_ins_code 
B 2 NPM 1  101 21  NPM NPM A . 
C 3 FE2 1  102 22  FE2 FE2 A . 
D 3 FE2 1  103 23  FE2 FE2 A . 
E 2 NPM 1  104 41  NPM NPM A . 
F 3 FE2 1  105 42  FE2 FE2 A . 
G 3 FE2 1  106 43  FE2 FE2 A . 
H 4 HOH 1  201 101 HOH HOH A . 
H 4 HOH 2  202 102 HOH HOH A . 
H 4 HOH 3  203 103 HOH HOH A . 
H 4 HOH 4  204 104 HOH HOH A . 
H 4 HOH 5  205 105 HOH HOH A . 
H 4 HOH 6  206 108 HOH HOH A . 
H 4 HOH 7  207 110 HOH HOH A . 
H 4 HOH 8  208 111 HOH HOH A . 
H 4 HOH 9  209 112 HOH HOH A . 
H 4 HOH 10 210 113 HOH HOH A . 
H 4 HOH 11 211 114 HOH HOH A . 
H 4 HOH 12 212 115 HOH HOH A . 
H 4 HOH 13 213 116 HOH HOH A . 
H 4 HOH 14 214 117 HOH HOH A . 
H 4 HOH 15 215 118 HOH HOH A . 
H 4 HOH 16 216 119 HOH HOH A . 
H 4 HOH 17 217 120 HOH HOH A . 
H 4 HOH 18 218 121 HOH HOH A . 
H 4 HOH 19 219 122 HOH HOH A . 
H 4 HOH 20 220 123 HOH HOH A . 
H 4 HOH 21 221 124 HOH HOH A . 
H 4 HOH 22 222 125 HOH HOH A . 
H 4 HOH 23 223 126 HOH HOH A . 
H 4 HOH 24 224 127 HOH HOH A . 
H 4 HOH 25 225 128 HOH HOH A . 
H 4 HOH 26 226 129 HOH HOH A . 
H 4 HOH 27 227 130 HOH HOH A . 
H 4 HOH 28 228 132 HOH HOH A . 
H 4 HOH 29 229 133 HOH HOH A . 
H 4 HOH 30 230 134 HOH HOH A . 
H 4 HOH 31 231 135 HOH HOH A . 
H 4 HOH 32 232 136 HOH HOH A . 
H 4 HOH 33 233 138 HOH HOH A . 
H 4 HOH 34 234 139 HOH HOH A . 
H 4 HOH 35 235 140 HOH HOH A . 
H 4 HOH 36 236 141 HOH HOH A . 
H 4 HOH 37 237 142 HOH HOH A . 
H 4 HOH 38 238 143 HOH HOH A . 
H 4 HOH 39 239 145 HOH HOH A . 
# 
loop_
_software.name 
_software.classification 
_software.version 
_software.citation_id 
_software.pdbx_ordinal 
RemDAq    'data collection' . ? 1 
SHELXD    phasing           . ? 2 
SHELXL-97 refinement        . ? 3 
XDS       'data reduction'  . ? 4 
XPREP     'data reduction'  . ? 5 
# 
_cell.entry_id           4JIY 
_cell.length_a           45.745 
_cell.length_b           45.745 
_cell.length_c           45.745 
_cell.angle_alpha        90.00 
_cell.angle_beta         90.00 
_cell.angle_gamma        90.00 
_cell.Z_PDB              12 
_cell.pdbx_unique_axis   ? 
_cell.length_a_esd       ? 
_cell.length_b_esd       ? 
_cell.length_c_esd       ? 
_cell.angle_alpha_esd    ? 
_cell.angle_beta_esd     ? 
_cell.angle_gamma_esd    ? 
# 
_symmetry.entry_id                         4JIY 
_symmetry.space_group_name_H-M             'P 21 3' 
_symmetry.pdbx_full_space_group_name_H-M   ? 
_symmetry.cell_setting                     ? 
_symmetry.Int_Tables_number                198 
_symmetry.space_group_name_Hall            ? 
# 
_exptl.entry_id          4JIY 
_exptl.method            'X-RAY DIFFRACTION' 
_exptl.crystals_number   2 
# 
loop_
_exptl_crystal.id 
_exptl_crystal.density_meas 
_exptl_crystal.density_Matthews 
_exptl_crystal.density_percent_sol 
_exptl_crystal.description 
_exptl_crystal.F_000 
_exptl_crystal.preparation 
1 ? 4.22 70.84 'THE STRUCTURE FACTOR FILE CONTAINS FRIEDEL PAIRS.' ? ? 
2 ? ?    ?     ?                                                   ? ? 
# 
loop_
_exptl_crystal_grow.crystal_id 
_exptl_crystal_grow.method 
_exptl_crystal_grow.temp 
_exptl_crystal_grow.temp_details 
_exptl_crystal_grow.pH 
_exptl_crystal_grow.pdbx_details 
_exptl_crystal_grow.pdbx_pH_range 
1 'VAPOR DIFFUSION, SITTING DROP' 293.15 ? 8.5 
;20% PEG 400, 0.18M MAGNESIUM ACETATE, 0.05M TRIS CHLORIDE, PH 8.5, VAPOR DIFFUSION, SITTING DROP, TEMPERATURE 293.15K. 15% PEG 400, 0.165M MAGNESIUM ACETATE, 0.05M TRIS CHLORIDE, PH 8.5, VAPOR DIFFUSION, SITTING DROP, TEMPERATURE 293.15K
;
? 
2 'VAPOR DIFFUSION, SITTING DROP' 293.15 ? 8.5 
'15% PEG 400, 0.165M MAGNESIUM ACETATE, 0.05M TRIS CHLORIDE, PH 8.5, VAPOR DIFFUSION, SITTING DROP, TEMPERATURE 293.15K' ? 
# 
loop_
_diffrn.id 
_diffrn.ambient_temp 
_diffrn.ambient_temp_details 
_diffrn.crystal_id 
1 100 ? 1 
2 100 ? 2 
# 
loop_
_diffrn_detector.diffrn_id 
_diffrn_detector.detector 
_diffrn_detector.type 
_diffrn_detector.pdbx_collection_date 
_diffrn_detector.details 
1 CCD 'MARMOSAIC 225 mm CCD' 2009-12-10 'MIRROR, BARTELS MONOCHROMATOR, DUAL CHANNEL CUT CRYSTALS, TOROIDAL MIRROR' 
2 CCD 'MARMOSAIC 225 mm CCD' 2009-09-12 'MIRROR, BARTELS MONOCHROMATOR, DUAL CHANNEL CUT CRYSTALS, TOROIDAL MIRROR' 
# 
loop_
_diffrn_radiation.diffrn_id 
_diffrn_radiation.wavelength_id 
_diffrn_radiation.pdbx_monochromatic_or_laue_m_l 
_diffrn_radiation.monochromator 
_diffrn_radiation.pdbx_diffrn_protocol 
_diffrn_radiation.pdbx_scattering_type 
1 1 M 'BARTELS MONOCHROMATOR' 'SINGLE WAVELENGTH' x-ray 
2 1 M 'BARTELS MONOCHROMATOR' MAD                 x-ray 
# 
_diffrn_radiation_wavelength.id           1 
_diffrn_radiation_wavelength.wavelength   0.9999 
_diffrn_radiation_wavelength.wt           1.0 
# 
loop_
_diffrn_source.diffrn_id 
_diffrn_source.source 
_diffrn_source.type 
_diffrn_source.pdbx_synchrotron_site 
_diffrn_source.pdbx_synchrotron_beamline 
_diffrn_source.pdbx_wavelength 
_diffrn_source.pdbx_wavelength_list 
1 SYNCHROTRON 'SLS BEAMLINE X06DA' SLS X06DA 0.9999 0.9999 
2 SYNCHROTRON 'SLS BEAMLINE X06DA' SLS X06DA ?      0.9999 
# 
_reflns.entry_id                     4JIY 
_reflns.observed_criterion_sigma_I   2.000 
_reflns.observed_criterion_sigma_F   4 
_reflns.d_resolution_low             45.745 
_reflns.d_resolution_high            1.910 
_reflns.number_obs                   4030 
_reflns.number_all                   4826 
_reflns.percent_possible_obs         99.7 
_reflns.pdbx_Rmerge_I_obs            0.02040 
_reflns.pdbx_Rsym_value              ? 
_reflns.pdbx_netI_over_sigmaI        27.0600 
_reflns.B_iso_Wilson_estimate        ? 
_reflns.pdbx_redundancy              7.500 
_reflns.R_free_details               ? 
_reflns.limit_h_max                  ? 
_reflns.limit_h_min                  ? 
_reflns.limit_k_max                  ? 
_reflns.limit_k_min                  ? 
_reflns.limit_l_max                  ? 
_reflns.limit_l_min                  ? 
_reflns.observed_criterion_F_max     ? 
_reflns.observed_criterion_F_min     ? 
_reflns.pdbx_chi_squared             ? 
_reflns.pdbx_scaling_rejects         ? 
_reflns.pdbx_ordinal                 1 
_reflns.pdbx_diffrn_id               1,2 
# 
_reflns_shell.d_res_high             1.91 
_reflns_shell.d_res_low              2.01 
_reflns_shell.percent_possible_all   98.7 
_reflns_shell.Rmerge_I_obs           0.38470 
_reflns_shell.pdbx_Rsym_value        0.38470 
_reflns_shell.meanI_over_sigI_obs    2.670 
_reflns_shell.pdbx_redundancy        0.99 
_reflns_shell.percent_possible_obs   ? 
_reflns_shell.number_unique_all      703 
_reflns_shell.number_measured_all    ? 
_reflns_shell.number_measured_obs    ? 
_reflns_shell.number_unique_obs      ? 
_reflns_shell.pdbx_chi_squared       ? 
_reflns_shell.pdbx_ordinal           1 
_reflns_shell.pdbx_diffrn_id         1,2 
# 
_refine.entry_id                                 4JIY 
_refine.ls_number_reflns_obs                     4030 
_refine.ls_number_reflns_all                     4814 
_refine.pdbx_ls_sigma_I                          2 
_refine.pdbx_ls_sigma_F                          4.000 
_refine.pdbx_data_cutoff_high_absF               ? 
_refine.pdbx_data_cutoff_low_absF                ? 
_refine.pdbx_data_cutoff_high_rms_absF           ? 
_refine.ls_d_res_low                             26.41 
_refine.ls_d_res_high                            1.91 
_refine.ls_percent_reflns_obs                    83.7 
_refine.ls_R_factor_obs                          ? 
_refine.ls_R_factor_all                          ? 
_refine.ls_R_factor_R_work                       0.224 
_refine.ls_R_factor_R_free                       0.2709 
_refine.ls_R_factor_R_free_error                 ? 
_refine.ls_R_factor_R_free_error_details         ? 
_refine.ls_percent_reflns_R_free                 5.000 
_refine.ls_number_reflns_R_free                  242 
_refine.ls_number_parameters                     ? 
_refine.ls_number_restraints                     ? 
_refine.occupancy_min                            ? 
_refine.occupancy_max                            ? 
_refine.correlation_coeff_Fo_to_Fc               ? 
_refine.correlation_coeff_Fo_to_Fc_free          ? 
_refine.B_iso_mean                               51.2 
_refine.aniso_B[1][1]                            ? 
_refine.aniso_B[2][2]                            ? 
_refine.aniso_B[3][3]                            ? 
_refine.aniso_B[1][2]                            ? 
_refine.aniso_B[1][3]                            ? 
_refine.aniso_B[2][3]                            ? 
_refine.solvent_model_details                    ? 
_refine.solvent_model_param_ksol                 ? 
_refine.solvent_model_param_bsol                 ? 
_refine.pdbx_solvent_vdw_probe_radii             ? 
_refine.pdbx_solvent_ion_probe_radii             ? 
_refine.pdbx_solvent_shrinkage_radii             ? 
_refine.pdbx_ls_cross_valid_method               ? 
_refine.details                                  ? 
_refine.pdbx_starting_model                      ? 
_refine.pdbx_method_to_determine_struct          MAD 
_refine.pdbx_isotropic_thermal_model             ? 
_refine.pdbx_stereochemistry_target_values       'KLOSTERMAN & SINE' 
_refine.pdbx_stereochem_target_val_spec_case     ? 
_refine.pdbx_R_Free_selection_details            RANDOM 
_refine.pdbx_overall_ESU_R                       ? 
_refine.pdbx_overall_ESU_R_Free                  ? 
_refine.overall_SU_ML                            ? 
_refine.pdbx_overall_phase_error                 ? 
_refine.overall_SU_B                             ? 
_refine.overall_SU_R_Cruickshank_DPI             ? 
_refine.ls_redundancy_reflns_obs                 ? 
_refine.B_iso_min                                ? 
_refine.B_iso_max                                ? 
_refine.overall_SU_R_free                        ? 
_refine.ls_wR_factor_R_free                      ? 
_refine.ls_wR_factor_R_work                      ? 
_refine.overall_FOM_free_R_set                   ? 
_refine.overall_FOM_work_R_set                   ? 
_refine.pdbx_diffrn_id                           1,2 
_refine.pdbx_refine_id                           'X-RAY DIFFRACTION' 
_refine.pdbx_TLS_residual_ADP_flag               ? 
_refine.pdbx_overall_SU_R_free_Cruickshank_DPI   ? 
_refine.pdbx_overall_SU_R_Blow_DPI               ? 
_refine.pdbx_overall_SU_R_free_Blow_DPI          ? 
# 
_refine_hist.pdbx_refine_id                   'X-RAY DIFFRACTION' 
_refine_hist.cycle_id                         LAST 
_refine_hist.pdbx_number_atoms_protein        0 
_refine_hist.pdbx_number_atoms_nucleic_acid   125 
_refine_hist.pdbx_number_atoms_ligand         62 
_refine_hist.number_atoms_solvent             39 
_refine_hist.number_atoms_total               226 
_refine_hist.d_res_high                       1.91 
_refine_hist.d_res_low                        26.41 
# 
loop_
_refine_ls_restr.type 
_refine_ls_restr.dev_ideal 
_refine_ls_restr.dev_ideal_target 
_refine_ls_restr.weight 
_refine_ls_restr.number 
_refine_ls_restr.pdbx_restraint_function 
_refine_ls_restr.pdbx_refine_id 
s_bond_d              0.009 ? ? ? ? 'X-RAY DIFFRACTION' 
s_angle_d             0.027 ? ? ? ? 'X-RAY DIFFRACTION' 
s_from_restr_planes   0.040 ? ? ? ? 'X-RAY DIFFRACTION' 
s_non_zero_chiral_vol 0.008 ? ? ? ? 'X-RAY DIFFRACTION' 
s_anti_bump_dis_restr 0.004 ? ? ? ? 'X-RAY DIFFRACTION' 
SIMU                  0.164 ? ? ? ? 'X-RAY DIFFRACTION' 
# 
_pdbx_refine.pdbx_refine_id                              'X-RAY DIFFRACTION' 
_pdbx_refine.entry_id                                    4JIY 
_pdbx_refine.R_factor_all_no_cutoff                      ? 
_pdbx_refine.R_factor_obs_no_cutoff                      0.234 
_pdbx_refine.free_R_factor_no_cutoff                     0.282 
_pdbx_refine.free_R_error_no_cutoff                      ? 
_pdbx_refine.free_R_val_test_set_size_perc_no_cutoff     5.000 
_pdbx_refine.free_R_val_test_set_ct_no_cutoff            242 
_pdbx_refine.R_factor_all_4sig_cutoff                    ? 
_pdbx_refine.R_factor_obs_4sig_cutoff                    0.224 
_pdbx_refine.free_R_factor_4sig_cutoff                   0.271 
_pdbx_refine.free_R_val_test_set_size_perc_4sig_cutoff   ? 
_pdbx_refine.free_R_val_test_set_ct_4sig_cutoff          211 
_pdbx_refine.number_reflns_obs_4sig_cutoff               4030 
# 
_struct.entry_id                  4JIY 
_struct.title                     'RNA three-way junction stabilized by a supramolecular di-iron(II) cylinder drug' 
_struct.pdbx_model_details        ? 
_struct.pdbx_CASP_flag            ? 
_struct.pdbx_model_type_details   ? 
# 
_struct_keywords.entry_id        4JIY 
_struct_keywords.pdbx_keywords   RNA 
_struct_keywords.text            'RNA, THREE-WAY JUNCTION, DRUG-RNA COMPLEX, RNA STRUCTURE RECOGNITION, CYLINDER, SUPRAMOLECULE' 
# 
loop_
_struct_asym.id 
_struct_asym.pdbx_blank_PDB_chainid_flag 
_struct_asym.pdbx_modified 
_struct_asym.entity_id 
_struct_asym.details 
A N N 1 ? 
B N N 2 ? 
C N N 3 ? 
D N N 3 ? 
E N N 2 ? 
F N N 3 ? 
G N N 3 ? 
H N N 4 ? 
# 
_struct_ref.id                         1 
_struct_ref.db_name                    PDB 
_struct_ref.db_code                    4JIY 
_struct_ref.pdbx_db_accession          4JIY 
_struct_ref.entity_id                  1 
_struct_ref.pdbx_align_begin           ? 
_struct_ref.pdbx_seq_one_letter_code   CGUACG 
_struct_ref.pdbx_db_isoform            ? 
# 
_struct_ref_seq.align_id                      1 
_struct_ref_seq.ref_id                        1 
_struct_ref_seq.pdbx_PDB_id_code              4JIY 
_struct_ref_seq.pdbx_strand_id                A 
_struct_ref_seq.seq_align_beg                 1 
_struct_ref_seq.pdbx_seq_align_beg_ins_code   ? 
_struct_ref_seq.seq_align_end                 6 
_struct_ref_seq.pdbx_seq_align_end_ins_code   ? 
_struct_ref_seq.pdbx_db_accession             4JIY 
_struct_ref_seq.db_align_beg                  1 
_struct_ref_seq.pdbx_db_align_beg_ins_code    ? 
_struct_ref_seq.db_align_end                  6 
_struct_ref_seq.pdbx_db_align_end_ins_code    ? 
_struct_ref_seq.pdbx_auth_seq_align_beg       1 
_struct_ref_seq.pdbx_auth_seq_align_end       6 
# 
_pdbx_struct_assembly.id                   1 
_pdbx_struct_assembly.details              author_and_software_defined_assembly 
_pdbx_struct_assembly.method_details       PISA 
_pdbx_struct_assembly.oligomeric_details   trimeric 
_pdbx_struct_assembly.oligomeric_count     3 
# 
loop_
_pdbx_struct_assembly_prop.biol_id 
_pdbx_struct_assembly_prop.type 
_pdbx_struct_assembly_prop.value 
_pdbx_struct_assembly_prop.details 
1 'ABSA (A^2)' 4090 ? 
1 MORE         -67  ? 
1 'SSA (A^2)'  3040 ? 
# 
_pdbx_struct_assembly_gen.assembly_id       1 
_pdbx_struct_assembly_gen.oper_expression   1,2,3 
_pdbx_struct_assembly_gen.asym_id_list      A,B,C,D,E,F,G,H 
# 
loop_
_pdbx_struct_oper_list.id 
_pdbx_struct_oper_list.type 
_pdbx_struct_oper_list.name 
_pdbx_struct_oper_list.symmetry_operation 
_pdbx_struct_oper_list.matrix[1][1] 
_pdbx_struct_oper_list.matrix[1][2] 
_pdbx_struct_oper_list.matrix[1][3] 
_pdbx_struct_oper_list.vector[1] 
_pdbx_struct_oper_list.matrix[2][1] 
_pdbx_struct_oper_list.matrix[2][2] 
_pdbx_struct_oper_list.matrix[2][3] 
_pdbx_struct_oper_list.vector[2] 
_pdbx_struct_oper_list.matrix[3][1] 
_pdbx_struct_oper_list.matrix[3][2] 
_pdbx_struct_oper_list.matrix[3][3] 
_pdbx_struct_oper_list.vector[3] 
1 'identity operation'         1_555 x,y,z 1.0000000000  0.0000000000  0.0000000000  0.0000000000  0.0000000000  1.0000000000 0.0000000000 0.0000000000  0.0000000000  0.0000000000 1.0000000000  0.0000000000  
2 'crystal symmetry operation' 5_555 z,x,y -0.3982488534 -0.1413994559 -0.9063134362 3.6342262155  -0.5858517353 0.7994799391 0.1327010598 -1.9482867327 0.7058155531  0.5838133442 -0.4012310857 10.7555610200 
3 'crystal symmetry operation' 9_555 y,z,x -0.3982488534 -0.5858517353 0.7058155531  -7.2855229902 -0.1413994559 0.7994799391 0.5838133442 -4.2077462802 -0.9063134362 0.1327010598 -0.4012310857 7.8677531884 
# 
_struct_biol.id        1 
_struct_biol.details   
;BIOMOLECULE: 1, 2 
SEE REMARK 350 FOR THE AUTHOR PROVIDED AND/OR PROGRAM 
GENERATED ASSEMBLY INFORMATION FOR THE STRUCTURE IN 
THIS ENTRY. THE REMARK MAY ALSO PROVIDE INFORMATION ON 
BURIED SURFACE AREA. 
REMARK: THE RNA THREE-WAY JUNCTION IS GENERATED FROM THE ASYMMETRIC 
UNIT BY THE OPERATIONS. THE TERMINAL 1/3 CYLINDER LIGANDS ARE PART 
OF THE INFINITE CRYSTAL LATTICE. 
 
COORDINATES FOR A COMPLETE MULTIMER REPRESENTING THE KNOWN 
BIOLOGICALLY SIGNIFICANT OLIGOMERIZATION STATE OF THE 
MOLECULE CAN BE GENERATED BY APPLYING BIOMT TRANSFORMATIONS 
GIVEN BELOW.  BOTH NON-CRYSTALLOGRAPHIC AND 
CRYSTALLOGRAPHIC OPERATIONS ARE GIVEN. 
 
BIOMOLECULE: 1 
AUTHOR DETERMINED BIOLOGICAL UNIT: TRIMERIC 
SOFTWARE DETERMINED QUATERNARY STRUCTURE: TRIMERIC 
SOFTWARE USED: PISA 
TOTAL BURIED SURFACE AREA: 970 ANGSTROM**2 
SURFACE AREA OF THE COMPLEX: 3870 ANGSTROM**2 
CHANGE IN SOLVENT FREE ENERGY: -5.0 KCAL/MOL 
APPLY THE FOLLOWING TO CHAINS: A 
  BIOMT1   1  1.000000  0.000000  0.000000        0.00000 
  BIOMT2   1  0.000000  1.000000  0.000000        0.00000 
  BIOMT3   1  0.000000  0.000000  1.000000        0.00000 
  BIOMT1   2  0.000000  0.000000  1.000000        0.00000 
  BIOMT2   2  1.000000  0.000000  0.000000        0.00000 
  BIOMT3   2  0.000000  1.000000  0.000000        0.00000 
  BIOMT1   3  0.000000  1.000000  0.000000        0.00000 
  BIOMT2   3  0.000000  0.000000  1.000000        0.00000 
  BIOMT3   3  1.000000  0.000000  0.000000        0.00000 
 
BIOMOLECULE: 2 
AUTHOR DETERMINED BIOLOGICAL UNIT: NONAMERIC 
APPLY THE FOLLOWING TO CHAINS: A 
  BIOMT1   1  1.000000  0.000000  0.000000        0.00000 
  BIOMT2   1  0.000000  1.000000  0.000000        0.00000 
  BIOMT3   1  0.000000  0.000000  1.000000        0.00000 
  BIOMT1   2 -1.000000  0.000000  0.000000       68.61750 
  BIOMT2   2  0.000000 -1.000000  0.000000       91.49000 
  BIOMT3   2  0.000000  0.000000  1.000000       22.87250 
  BIOMT1   3 -1.000000  0.000000  0.000000       91.49000 
  BIOMT2   3  0.000000  1.000000  0.000000      -22.87250 
  BIOMT3   3  0.000000  0.000000 -1.000000       68.61750 
  BIOMT1   4  0.000000  0.000000  1.000000        0.00000 
  BIOMT2   4  1.000000  0.000000  0.000000        0.00000 
  BIOMT3   4  0.000000  1.000000  0.000000        0.00000 
  BIOMT1   5  0.000000  0.000000  1.000000       22.87250 
  BIOMT2   5 -1.000000  0.000000  0.000000       68.61750 
  BIOMT3   5  0.000000 -1.000000  0.000000       91.49000 
  BIOMT1   6  0.000000  0.000000 -1.000000       68.61750 
  BIOMT2   6 -1.000000  0.000000  0.000000       91.49000 
  BIOMT3   6  0.000000  1.000000  0.000000      -22.87250 
  BIOMT1   7  0.000000  1.000000  0.000000        0.00000 
  BIOMT2   7  0.000000  0.000000  1.000000        0.00000 
  BIOMT3   7  1.000000  0.000000  0.000000        0.00000 
  BIOMT1   8  0.000000 -1.000000  0.000000       91.49000 
  BIOMT2   8  0.000000  0.000000  1.000000       22.87250 
  BIOMT3   8 -1.000000  0.000000  0.000000       68.61750 
  BIOMT1   9  0.000000  1.000000  0.000000      -22.87250 
  BIOMT2   9  0.000000  0.000000 -1.000000       68.61750 
  BIOMT3   9 -1.000000  0.000000  0.000000       91.49000
;
# 
loop_
_struct_conn.id 
_struct_conn.conn_type_id 
_struct_conn.pdbx_leaving_atom_flag 
_struct_conn.pdbx_PDB_id 
_struct_conn.ptnr1_label_asym_id 
_struct_conn.ptnr1_label_comp_id 
_struct_conn.ptnr1_label_seq_id 
_struct_conn.ptnr1_label_atom_id 
_struct_conn.pdbx_ptnr1_label_alt_id 
_struct_conn.pdbx_ptnr1_PDB_ins_code 
_struct_conn.pdbx_ptnr1_standard_comp_id 
_struct_conn.ptnr1_symmetry 
_struct_conn.ptnr2_label_asym_id 
_struct_conn.ptnr2_label_comp_id 
_struct_conn.ptnr2_label_seq_id 
_struct_conn.ptnr2_label_atom_id 
_struct_conn.pdbx_ptnr2_label_alt_id 
_struct_conn.pdbx_ptnr2_PDB_ins_code 
_struct_conn.ptnr1_auth_asym_id 
_struct_conn.ptnr1_auth_comp_id 
_struct_conn.ptnr1_auth_seq_id 
_struct_conn.ptnr2_auth_asym_id 
_struct_conn.ptnr2_auth_comp_id 
_struct_conn.ptnr2_auth_seq_id 
_struct_conn.ptnr2_symmetry 
_struct_conn.pdbx_ptnr3_label_atom_id 
_struct_conn.pdbx_ptnr3_label_seq_id 
_struct_conn.pdbx_ptnr3_label_comp_id 
_struct_conn.pdbx_ptnr3_label_asym_id 
_struct_conn.pdbx_ptnr3_label_alt_id 
_struct_conn.pdbx_ptnr3_PDB_ins_code 
_struct_conn.details 
_struct_conn.pdbx_dist_value 
_struct_conn.pdbx_value_order 
_struct_conn.pdbx_role 
metalc1 metalc ? ? B NPM . N12 ? ? ? 1_555 C FE2 . FE ? ? A NPM 101 A FE2 102 1_555 ? ? ? ? ? ? ?            1.983 ? ? 
metalc2 metalc ? ? B NPM . N11 ? ? ? 1_555 C FE2 . FE ? ? A NPM 101 A FE2 102 1_555 ? ? ? ? ? ? ?            1.987 ? ? 
metalc3 metalc ? ? B NPM . N14 ? ? ? 1_555 D FE2 . FE ? ? A NPM 101 A FE2 103 1_555 ? ? ? ? ? ? ?            1.978 ? ? 
metalc4 metalc ? ? B NPM . N13 ? ? ? 1_555 D FE2 . FE ? ? A NPM 101 A FE2 103 1_555 ? ? ? ? ? ? ?            1.981 ? ? 
metalc5 metalc ? ? E NPM . N11 ? ? ? 1_555 F FE2 . FE ? ? A NPM 104 A FE2 105 1_555 ? ? ? ? ? ? ?            1.977 ? ? 
metalc6 metalc ? ? E NPM . N12 ? ? ? 1_555 F FE2 . FE ? ? A NPM 104 A FE2 105 1_555 ? ? ? ? ? ? ?            1.987 ? ? 
metalc7 metalc ? ? E NPM . N14 ? ? ? 1_555 G FE2 . FE ? ? A NPM 104 A FE2 106 1_555 ? ? ? ? ? ? ?            1.974 ? ? 
metalc8 metalc ? ? E NPM . N13 ? ? ? 1_555 G FE2 . FE ? ? A NPM 104 A FE2 106 1_555 ? ? ? ? ? ? ?            1.984 ? ? 
hydrog1 hydrog ? ? A C   1 N3  ? ? ? 1_555 A G   6 N1 ? ? A C   1   A G   6   5_555 ? ? ? ? ? ? WATSON-CRICK ?     ? ? 
hydrog2 hydrog ? ? A C   1 N4  ? ? ? 1_555 A G   6 O6 ? ? A C   1   A G   6   5_555 ? ? ? ? ? ? WATSON-CRICK ?     ? ? 
hydrog3 hydrog ? ? A C   1 O2  ? ? ? 1_555 A G   6 N2 ? ? A C   1   A G   6   5_555 ? ? ? ? ? ? WATSON-CRICK ?     ? ? 
hydrog4 hydrog ? ? A G   2 N1  ? ? ? 1_555 A C   5 N3 ? ? A G   2   A C   5   5_555 ? ? ? ? ? ? WATSON-CRICK ?     ? ? 
hydrog5 hydrog ? ? A G   2 N2  ? ? ? 1_555 A C   5 O2 ? ? A G   2   A C   5   5_555 ? ? ? ? ? ? WATSON-CRICK ?     ? ? 
hydrog6 hydrog ? ? A G   2 O6  ? ? ? 1_555 A C   5 N4 ? ? A G   2   A C   5   5_555 ? ? ? ? ? ? WATSON-CRICK ?     ? ? 
hydrog7 hydrog ? ? A U   3 N3  ? ? ? 1_555 A A   4 N1 ? ? A U   3   A A   4   5_555 ? ? ? ? ? ? WATSON-CRICK ?     ? ? 
hydrog8 hydrog ? ? A U   3 O4  ? ? ? 1_555 A A   4 N6 ? ? A U   3   A A   4   5_555 ? ? ? ? ? ? WATSON-CRICK ?     ? ? 
# 
loop_
_struct_conn_type.id 
_struct_conn_type.criteria 
_struct_conn_type.reference 
metalc ? ? 
hydrog ? ? 
# 
loop_
_pdbx_struct_conn_angle.id 
_pdbx_struct_conn_angle.ptnr1_label_atom_id 
_pdbx_struct_conn_angle.ptnr1_label_alt_id 
_pdbx_struct_conn_angle.ptnr1_label_asym_id 
_pdbx_struct_conn_angle.ptnr1_label_comp_id 
_pdbx_struct_conn_angle.ptnr1_label_seq_id 
_pdbx_struct_conn_angle.ptnr1_auth_atom_id 
_pdbx_struct_conn_angle.ptnr1_auth_asym_id 
_pdbx_struct_conn_angle.ptnr1_auth_comp_id 
_pdbx_struct_conn_angle.ptnr1_auth_seq_id 
_pdbx_struct_conn_angle.ptnr1_PDB_ins_code 
_pdbx_struct_conn_angle.ptnr1_symmetry 
_pdbx_struct_conn_angle.ptnr2_label_atom_id 
_pdbx_struct_conn_angle.ptnr2_label_alt_id 
_pdbx_struct_conn_angle.ptnr2_label_asym_id 
_pdbx_struct_conn_angle.ptnr2_label_comp_id 
_pdbx_struct_conn_angle.ptnr2_label_seq_id 
_pdbx_struct_conn_angle.ptnr2_auth_atom_id 
_pdbx_struct_conn_angle.ptnr2_auth_asym_id 
_pdbx_struct_conn_angle.ptnr2_auth_comp_id 
_pdbx_struct_conn_angle.ptnr2_auth_seq_id 
_pdbx_struct_conn_angle.ptnr2_PDB_ins_code 
_pdbx_struct_conn_angle.ptnr2_symmetry 
_pdbx_struct_conn_angle.ptnr3_label_atom_id 
_pdbx_struct_conn_angle.ptnr3_label_alt_id 
_pdbx_struct_conn_angle.ptnr3_label_asym_id 
_pdbx_struct_conn_angle.ptnr3_label_comp_id 
_pdbx_struct_conn_angle.ptnr3_label_seq_id 
_pdbx_struct_conn_angle.ptnr3_auth_atom_id 
_pdbx_struct_conn_angle.ptnr3_auth_asym_id 
_pdbx_struct_conn_angle.ptnr3_auth_comp_id 
_pdbx_struct_conn_angle.ptnr3_auth_seq_id 
_pdbx_struct_conn_angle.ptnr3_PDB_ins_code 
_pdbx_struct_conn_angle.ptnr3_symmetry 
_pdbx_struct_conn_angle.value 
_pdbx_struct_conn_angle.value_esd 
1 N12 ? B NPM . ? A NPM 101 ? 1_555 FE ? C FE2 . ? A FE2 102 ? 1_555 N11 ? B NPM . ? A NPM 101 ? 1_555 79.1 ? 
2 N14 ? B NPM . ? A NPM 101 ? 1_555 FE ? D FE2 . ? A FE2 103 ? 1_555 N13 ? B NPM . ? A NPM 101 ? 1_555 80.4 ? 
3 N11 ? E NPM . ? A NPM 104 ? 1_555 FE ? F FE2 . ? A FE2 105 ? 1_555 N12 ? E NPM . ? A NPM 104 ? 1_555 79.2 ? 
4 N14 ? E NPM . ? A NPM 104 ? 1_555 FE ? G FE2 . ? A FE2 106 ? 1_555 N13 ? E NPM . ? A NPM 104 ? 1_555 81.0 ? 
# 
loop_
_struct_site.id 
_struct_site.pdbx_evidence_code 
_struct_site.pdbx_auth_asym_id 
_struct_site.pdbx_auth_comp_id 
_struct_site.pdbx_auth_seq_id 
_struct_site.pdbx_auth_ins_code 
_struct_site.pdbx_num_residues 
_struct_site.details 
AC1 Software A NPM 101 ? 8 'BINDING SITE FOR RESIDUE NPM A 101' 
AC2 Software A FE2 102 ? 3 'BINDING SITE FOR RESIDUE FE2 A 102' 
AC3 Software A FE2 103 ? 3 'BINDING SITE FOR RESIDUE FE2 A 103' 
AC4 Software A NPM 104 ? 9 'BINDING SITE FOR RESIDUE NPM A 104' 
AC5 Software A FE2 105 ? 3 'BINDING SITE FOR RESIDUE FE2 A 105' 
AC6 Software A FE2 106 ? 3 'BINDING SITE FOR RESIDUE FE2 A 106' 
1   ?        ? ?   ?   ? ? ?                                    
# 
loop_
_struct_site_gen.id 
_struct_site_gen.site_id 
_struct_site_gen.pdbx_num_res 
_struct_site_gen.label_comp_id 
_struct_site_gen.label_asym_id 
_struct_site_gen.label_seq_id 
_struct_site_gen.pdbx_auth_ins_code 
_struct_site_gen.auth_comp_id 
_struct_site_gen.auth_asym_id 
_struct_site_gen.auth_seq_id 
_struct_site_gen.label_atom_id 
_struct_site_gen.label_alt_id 
_struct_site_gen.symmetry 
_struct_site_gen.details 
1  AC1 8 C   A 1 ? C   A 1   . ? 10_756 ? 
2  AC1 8 G   A 6 ? G   A 6   . ? 5_555  ? 
3  AC1 8 FE2 C . ? FE2 A 102 . ? 10_756 ? 
4  AC1 8 FE2 C . ? FE2 A 102 . ? 1_555  ? 
5  AC1 8 FE2 C . ? FE2 A 102 . ? 7_674  ? 
6  AC1 8 FE2 D . ? FE2 A 103 . ? 10_756 ? 
7  AC1 8 FE2 D . ? FE2 A 103 . ? 7_674  ? 
8  AC1 8 FE2 D . ? FE2 A 103 . ? 1_555  ? 
9  AC2 3 NPM B . ? NPM A 101 . ? 1_555  ? 
10 AC2 3 NPM B . ? NPM A 101 . ? 7_674  ? 
11 AC2 3 NPM B . ? NPM A 101 . ? 10_756 ? 
12 AC3 3 NPM B . ? NPM A 101 . ? 7_674  ? 
13 AC3 3 NPM B . ? NPM A 101 . ? 10_756 ? 
14 AC3 3 NPM B . ? NPM A 101 . ? 1_555  ? 
15 AC4 9 U   A 3 ? U   A 3   . ? 5_555  ? 
16 AC4 9 A   A 4 ? A   A 4   . ? 5_555  ? 
17 AC4 9 A   A 4 ? A   A 4   . ? 9_555  ? 
18 AC4 9 FE2 F . ? FE2 A 105 . ? 5_555  ? 
19 AC4 9 FE2 F . ? FE2 A 105 . ? 9_555  ? 
20 AC4 9 FE2 F . ? FE2 A 105 . ? 1_555  ? 
21 AC4 9 FE2 G . ? FE2 A 106 . ? 9_555  ? 
22 AC4 9 FE2 G . ? FE2 A 106 . ? 5_555  ? 
23 AC4 9 FE2 G . ? FE2 A 106 . ? 1_555  ? 
24 AC5 3 NPM E . ? NPM A 104 . ? 5_555  ? 
25 AC5 3 NPM E . ? NPM A 104 . ? 1_555  ? 
26 AC5 3 NPM E . ? NPM A 104 . ? 9_555  ? 
27 AC6 3 NPM E . ? NPM A 104 . ? 5_555  ? 
28 AC6 3 NPM E . ? NPM A 104 . ? 9_555  ? 
29 AC6 3 NPM E . ? NPM A 104 . ? 1_555  ? 
# 
_struct_site_keywords.site_id   1 
_struct_site_keywords.text      Intercalation 
# 
loop_
_pdbx_struct_special_symmetry.id 
_pdbx_struct_special_symmetry.PDB_model_num 
_pdbx_struct_special_symmetry.auth_asym_id 
_pdbx_struct_special_symmetry.auth_comp_id 
_pdbx_struct_special_symmetry.auth_seq_id 
_pdbx_struct_special_symmetry.PDB_ins_code 
_pdbx_struct_special_symmetry.label_asym_id 
_pdbx_struct_special_symmetry.label_comp_id 
_pdbx_struct_special_symmetry.label_seq_id 
1 1 A FE2 102 ? C FE2 . 
2 1 A FE2 103 ? D FE2 . 
3 1 A FE2 105 ? F FE2 . 
4 1 A FE2 106 ? G FE2 . 
5 1 A HOH 207 ? H HOH . 
# 
loop_
_chem_comp_atom.comp_id 
_chem_comp_atom.atom_id 
_chem_comp_atom.type_symbol 
_chem_comp_atom.pdbx_aromatic_flag 
_chem_comp_atom.pdbx_stereo_config 
_chem_comp_atom.pdbx_ordinal 
A   OP3    O  N N 1   
A   P      P  N N 2   
A   OP1    O  N N 3   
A   OP2    O  N N 4   
A   "O5'"  O  N N 5   
A   "C5'"  C  N N 6   
A   "C4'"  C  N R 7   
A   "O4'"  O  N N 8   
A   "C3'"  C  N S 9   
A   "O3'"  O  N N 10  
A   "C2'"  C  N R 11  
A   "O2'"  O  N N 12  
A   "C1'"  C  N R 13  
A   N9     N  Y N 14  
A   C8     C  Y N 15  
A   N7     N  Y N 16  
A   C5     C  Y N 17  
A   C6     C  Y N 18  
A   N6     N  N N 19  
A   N1     N  Y N 20  
A   C2     C  Y N 21  
A   N3     N  Y N 22  
A   C4     C  Y N 23  
A   HOP3   H  N N 24  
A   HOP2   H  N N 25  
A   "H5'"  H  N N 26  
A   "H5''" H  N N 27  
A   "H4'"  H  N N 28  
A   "H3'"  H  N N 29  
A   "HO3'" H  N N 30  
A   "H2'"  H  N N 31  
A   "HO2'" H  N N 32  
A   "H1'"  H  N N 33  
A   H8     H  N N 34  
A   H61    H  N N 35  
A   H62    H  N N 36  
A   H2     H  N N 37  
C   OP3    O  N N 38  
C   P      P  N N 39  
C   OP1    O  N N 40  
C   OP2    O  N N 41  
C   "O5'"  O  N N 42  
C   "C5'"  C  N N 43  
C   "C4'"  C  N R 44  
C   "O4'"  O  N N 45  
C   "C3'"  C  N S 46  
C   "O3'"  O  N N 47  
C   "C2'"  C  N R 48  
C   "O2'"  O  N N 49  
C   "C1'"  C  N R 50  
C   N1     N  N N 51  
C   C2     C  N N 52  
C   O2     O  N N 53  
C   N3     N  N N 54  
C   C4     C  N N 55  
C   N4     N  N N 56  
C   C5     C  N N 57  
C   C6     C  N N 58  
C   HOP3   H  N N 59  
C   HOP2   H  N N 60  
C   "H5'"  H  N N 61  
C   "H5''" H  N N 62  
C   "H4'"  H  N N 63  
C   "H3'"  H  N N 64  
C   "HO3'" H  N N 65  
C   "H2'"  H  N N 66  
C   "HO2'" H  N N 67  
C   "H1'"  H  N N 68  
C   H41    H  N N 69  
C   H42    H  N N 70  
C   H5     H  N N 71  
C   H6     H  N N 72  
FE2 FE     FE N N 73  
G   OP3    O  N N 74  
G   P      P  N N 75  
G   OP1    O  N N 76  
G   OP2    O  N N 77  
G   "O5'"  O  N N 78  
G   "C5'"  C  N N 79  
G   "C4'"  C  N R 80  
G   "O4'"  O  N N 81  
G   "C3'"  C  N S 82  
G   "O3'"  O  N N 83  
G   "C2'"  C  N R 84  
G   "O2'"  O  N N 85  
G   "C1'"  C  N R 86  
G   N9     N  Y N 87  
G   C8     C  Y N 88  
G   N7     N  Y N 89  
G   C5     C  Y N 90  
G   C6     C  N N 91  
G   O6     O  N N 92  
G   N1     N  N N 93  
G   C2     C  N N 94  
G   N2     N  N N 95  
G   N3     N  N N 96  
G   C4     C  Y N 97  
G   HOP3   H  N N 98  
G   HOP2   H  N N 99  
G   "H5'"  H  N N 100 
G   "H5''" H  N N 101 
G   "H4'"  H  N N 102 
G   "H3'"  H  N N 103 
G   "HO3'" H  N N 104 
G   "H2'"  H  N N 105 
G   "HO2'" H  N N 106 
G   "H1'"  H  N N 107 
G   H8     H  N N 108 
G   H1     H  N N 109 
G   H21    H  N N 110 
G   H22    H  N N 111 
HOH O      O  N N 112 
HOH H1     H  N N 113 
HOH H2     H  N N 114 
NPM N11    N  Y N 115 
NPM N12    N  N N 116 
NPM N13    N  N N 117 
NPM N14    N  Y N 118 
NPM C1A    C  Y N 119 
NPM C1B    C  Y N 120 
NPM C1C    C  Y N 121 
NPM C1D    C  Y N 122 
NPM C1E    C  Y N 123 
NPM C1F    C  N N 124 
NPM C1G    C  Y N 125 
NPM C1H    C  Y N 126 
NPM C1I    C  Y N 127 
NPM C1J    C  Y N 128 
NPM C1K    C  Y N 129 
NPM C1L    C  Y N 130 
NPM C1M    C  N N 131 
NPM C1N    C  Y N 132 
NPM C1O    C  Y N 133 
NPM C1P    C  Y N 134 
NPM C1Q    C  Y N 135 
NPM C1R    C  Y N 136 
NPM C1S    C  Y N 137 
NPM C1T    C  N N 138 
NPM C1U    C  Y N 139 
NPM C1V    C  Y N 140 
NPM C1W    C  Y N 141 
NPM C1X    C  Y N 142 
NPM C1Y    C  Y N 143 
NPM H1A    H  N N 144 
NPM H1B    H  N N 145 
NPM H1C    H  N N 146 
NPM H1D    H  N N 147 
NPM H1F    H  N N 148 
NPM H1H    H  N N 149 
NPM H1I    H  N N 150 
NPM H1K    H  N N 151 
NPM H1L    H  N N 152 
NPM H1M1   H  N N 153 
NPM H1M2   H  N N 154 
NPM H1O    H  N N 155 
NPM H1P    H  N N 156 
NPM H1R    H  N N 157 
NPM H1S    H  N N 158 
NPM H1T    H  N N 159 
NPM H1V    H  N N 160 
NPM H1W    H  N N 161 
NPM H1X    H  N N 162 
NPM H1Y    H  N N 163 
U   OP3    O  N N 164 
U   P      P  N N 165 
U   OP1    O  N N 166 
U   OP2    O  N N 167 
U   "O5'"  O  N N 168 
U   "C5'"  C  N N 169 
U   "C4'"  C  N R 170 
U   "O4'"  O  N N 171 
U   "C3'"  C  N S 172 
U   "O3'"  O  N N 173 
U   "C2'"  C  N R 174 
U   "O2'"  O  N N 175 
U   "C1'"  C  N R 176 
U   N1     N  N N 177 
U   C2     C  N N 178 
U   O2     O  N N 179 
U   N3     N  N N 180 
U   C4     C  N N 181 
U   O4     O  N N 182 
U   C5     C  N N 183 
U   C6     C  N N 184 
U   HOP3   H  N N 185 
U   HOP2   H  N N 186 
U   "H5'"  H  N N 187 
U   "H5''" H  N N 188 
U   "H4'"  H  N N 189 
U   "H3'"  H  N N 190 
U   "HO3'" H  N N 191 
U   "H2'"  H  N N 192 
U   "HO2'" H  N N 193 
U   "H1'"  H  N N 194 
U   H3     H  N N 195 
U   H5     H  N N 196 
U   H6     H  N N 197 
# 
loop_
_chem_comp_bond.comp_id 
_chem_comp_bond.atom_id_1 
_chem_comp_bond.atom_id_2 
_chem_comp_bond.value_order 
_chem_comp_bond.pdbx_aromatic_flag 
_chem_comp_bond.pdbx_stereo_config 
_chem_comp_bond.pdbx_ordinal 
A   OP3   P      sing N N 1   
A   OP3   HOP3   sing N N 2   
A   P     OP1    doub N N 3   
A   P     OP2    sing N N 4   
A   P     "O5'"  sing N N 5   
A   OP2   HOP2   sing N N 6   
A   "O5'" "C5'"  sing N N 7   
A   "C5'" "C4'"  sing N N 8   
A   "C5'" "H5'"  sing N N 9   
A   "C5'" "H5''" sing N N 10  
A   "C4'" "O4'"  sing N N 11  
A   "C4'" "C3'"  sing N N 12  
A   "C4'" "H4'"  sing N N 13  
A   "O4'" "C1'"  sing N N 14  
A   "C3'" "O3'"  sing N N 15  
A   "C3'" "C2'"  sing N N 16  
A   "C3'" "H3'"  sing N N 17  
A   "O3'" "HO3'" sing N N 18  
A   "C2'" "O2'"  sing N N 19  
A   "C2'" "C1'"  sing N N 20  
A   "C2'" "H2'"  sing N N 21  
A   "O2'" "HO2'" sing N N 22  
A   "C1'" N9     sing N N 23  
A   "C1'" "H1'"  sing N N 24  
A   N9    C8     sing Y N 25  
A   N9    C4     sing Y N 26  
A   C8    N7     doub Y N 27  
A   C8    H8     sing N N 28  
A   N7    C5     sing Y N 29  
A   C5    C6     sing Y N 30  
A   C5    C4     doub Y N 31  
A   C6    N6     sing N N 32  
A   C6    N1     doub Y N 33  
A   N6    H61    sing N N 34  
A   N6    H62    sing N N 35  
A   N1    C2     sing Y N 36  
A   C2    N3     doub Y N 37  
A   C2    H2     sing N N 38  
A   N3    C4     sing Y N 39  
C   OP3   P      sing N N 40  
C   OP3   HOP3   sing N N 41  
C   P     OP1    doub N N 42  
C   P     OP2    sing N N 43  
C   P     "O5'"  sing N N 44  
C   OP2   HOP2   sing N N 45  
C   "O5'" "C5'"  sing N N 46  
C   "C5'" "C4'"  sing N N 47  
C   "C5'" "H5'"  sing N N 48  
C   "C5'" "H5''" sing N N 49  
C   "C4'" "O4'"  sing N N 50  
C   "C4'" "C3'"  sing N N 51  
C   "C4'" "H4'"  sing N N 52  
C   "O4'" "C1'"  sing N N 53  
C   "C3'" "O3'"  sing N N 54  
C   "C3'" "C2'"  sing N N 55  
C   "C3'" "H3'"  sing N N 56  
C   "O3'" "HO3'" sing N N 57  
C   "C2'" "O2'"  sing N N 58  
C   "C2'" "C1'"  sing N N 59  
C   "C2'" "H2'"  sing N N 60  
C   "O2'" "HO2'" sing N N 61  
C   "C1'" N1     sing N N 62  
C   "C1'" "H1'"  sing N N 63  
C   N1    C2     sing N N 64  
C   N1    C6     sing N N 65  
C   C2    O2     doub N N 66  
C   C2    N3     sing N N 67  
C   N3    C4     doub N N 68  
C   C4    N4     sing N N 69  
C   C4    C5     sing N N 70  
C   N4    H41    sing N N 71  
C   N4    H42    sing N N 72  
C   C5    C6     doub N N 73  
C   C5    H5     sing N N 74  
C   C6    H6     sing N N 75  
G   OP3   P      sing N N 76  
G   OP3   HOP3   sing N N 77  
G   P     OP1    doub N N 78  
G   P     OP2    sing N N 79  
G   P     "O5'"  sing N N 80  
G   OP2   HOP2   sing N N 81  
G   "O5'" "C5'"  sing N N 82  
G   "C5'" "C4'"  sing N N 83  
G   "C5'" "H5'"  sing N N 84  
G   "C5'" "H5''" sing N N 85  
G   "C4'" "O4'"  sing N N 86  
G   "C4'" "C3'"  sing N N 87  
G   "C4'" "H4'"  sing N N 88  
G   "O4'" "C1'"  sing N N 89  
G   "C3'" "O3'"  sing N N 90  
G   "C3'" "C2'"  sing N N 91  
G   "C3'" "H3'"  sing N N 92  
G   "O3'" "HO3'" sing N N 93  
G   "C2'" "O2'"  sing N N 94  
G   "C2'" "C1'"  sing N N 95  
G   "C2'" "H2'"  sing N N 96  
G   "O2'" "HO2'" sing N N 97  
G   "C1'" N9     sing N N 98  
G   "C1'" "H1'"  sing N N 99  
G   N9    C8     sing Y N 100 
G   N9    C4     sing Y N 101 
G   C8    N7     doub Y N 102 
G   C8    H8     sing N N 103 
G   N7    C5     sing Y N 104 
G   C5    C6     sing N N 105 
G   C5    C4     doub Y N 106 
G   C6    O6     doub N N 107 
G   C6    N1     sing N N 108 
G   N1    C2     sing N N 109 
G   N1    H1     sing N N 110 
G   C2    N2     sing N N 111 
G   C2    N3     doub N N 112 
G   N2    H21    sing N N 113 
G   N2    H22    sing N N 114 
G   N3    C4     sing N N 115 
HOH O     H1     sing N N 116 
HOH O     H2     sing N N 117 
NPM N11   C1A    doub Y N 118 
NPM N11   C1E    sing Y N 119 
NPM N12   C1F    doub N N 120 
NPM N12   C1G    sing N N 121 
NPM N13   C1Q    sing N N 122 
NPM N13   C1T    doub N N 123 
NPM N14   C1U    sing Y N 124 
NPM N14   C1Y    doub Y N 125 
NPM C1A   C1B    sing Y N 126 
NPM C1A   H1A    sing N N 127 
NPM C1B   C1C    doub Y N 128 
NPM C1B   H1B    sing N N 129 
NPM C1C   C1D    sing Y N 130 
NPM C1C   H1C    sing N N 131 
NPM C1D   C1E    doub Y N 132 
NPM C1D   H1D    sing N N 133 
NPM C1E   C1F    sing N N 134 
NPM C1F   H1F    sing N N 135 
NPM C1G   C1H    sing Y N 136 
NPM C1G   C1L    doub Y N 137 
NPM C1H   C1I    doub Y N 138 
NPM C1H   H1H    sing N N 139 
NPM C1I   C1J    sing Y N 140 
NPM C1I   H1I    sing N N 141 
NPM C1J   C1K    doub Y N 142 
NPM C1J   C1M    sing N N 143 
NPM C1K   C1L    sing Y N 144 
NPM C1K   H1K    sing N N 145 
NPM C1L   H1L    sing N N 146 
NPM C1M   C1N    sing N N 147 
NPM C1M   H1M1   sing N N 148 
NPM C1M   H1M2   sing N N 149 
NPM C1N   C1O    doub Y N 150 
NPM C1N   C1S    sing Y N 151 
NPM C1O   C1P    sing Y N 152 
NPM C1O   H1O    sing N N 153 
NPM C1P   C1Q    doub Y N 154 
NPM C1P   H1P    sing N N 155 
NPM C1Q   C1R    sing Y N 156 
NPM C1R   C1S    doub Y N 157 
NPM C1R   H1R    sing N N 158 
NPM C1S   H1S    sing N N 159 
NPM C1T   C1U    sing N N 160 
NPM C1T   H1T    sing N N 161 
NPM C1U   C1V    doub Y N 162 
NPM C1V   C1W    sing Y N 163 
NPM C1V   H1V    sing N N 164 
NPM C1W   C1X    doub Y N 165 
NPM C1W   H1W    sing N N 166 
NPM C1X   C1Y    sing Y N 167 
NPM C1X   H1X    sing N N 168 
NPM C1Y   H1Y    sing N N 169 
U   OP3   P      sing N N 170 
U   OP3   HOP3   sing N N 171 
U   P     OP1    doub N N 172 
U   P     OP2    sing N N 173 
U   P     "O5'"  sing N N 174 
U   OP2   HOP2   sing N N 175 
U   "O5'" "C5'"  sing N N 176 
U   "C5'" "C4'"  sing N N 177 
U   "C5'" "H5'"  sing N N 178 
U   "C5'" "H5''" sing N N 179 
U   "C4'" "O4'"  sing N N 180 
U   "C4'" "C3'"  sing N N 181 
U   "C4'" "H4'"  sing N N 182 
U   "O4'" "C1'"  sing N N 183 
U   "C3'" "O3'"  sing N N 184 
U   "C3'" "C2'"  sing N N 185 
U   "C3'" "H3'"  sing N N 186 
U   "O3'" "HO3'" sing N N 187 
U   "C2'" "O2'"  sing N N 188 
U   "C2'" "C1'"  sing N N 189 
U   "C2'" "H2'"  sing N N 190 
U   "O2'" "HO2'" sing N N 191 
U   "C1'" N1     sing N N 192 
U   "C1'" "H1'"  sing N N 193 
U   N1    C2     sing N N 194 
U   N1    C6     sing N N 195 
U   C2    O2     doub N N 196 
U   C2    N3     sing N N 197 
U   N3    C4     sing N N 198 
U   N3    H3     sing N N 199 
U   C4    O4     doub N N 200 
U   C4    C5     sing N N 201 
U   C5    C6     doub N N 202 
U   C5    H5     sing N N 203 
U   C6    H6     sing N N 204 
# 
_ndb_struct_conf_na.entry_id   4JIY 
_ndb_struct_conf_na.feature    'a-form double helix' 
# 
loop_
_ndb_struct_na_base_pair.model_number 
_ndb_struct_na_base_pair.i_label_asym_id 
_ndb_struct_na_base_pair.i_label_comp_id 
_ndb_struct_na_base_pair.i_label_seq_id 
_ndb_struct_na_base_pair.i_symmetry 
_ndb_struct_na_base_pair.j_label_asym_id 
_ndb_struct_na_base_pair.j_label_comp_id 
_ndb_struct_na_base_pair.j_label_seq_id 
_ndb_struct_na_base_pair.j_symmetry 
_ndb_struct_na_base_pair.shear 
_ndb_struct_na_base_pair.stretch 
_ndb_struct_na_base_pair.stagger 
_ndb_struct_na_base_pair.buckle 
_ndb_struct_na_base_pair.propeller 
_ndb_struct_na_base_pair.opening 
_ndb_struct_na_base_pair.pair_number 
_ndb_struct_na_base_pair.pair_name 
_ndb_struct_na_base_pair.i_auth_asym_id 
_ndb_struct_na_base_pair.i_auth_seq_id 
_ndb_struct_na_base_pair.i_PDB_ins_code 
_ndb_struct_na_base_pair.j_auth_asym_id 
_ndb_struct_na_base_pair.j_auth_seq_id 
_ndb_struct_na_base_pair.j_PDB_ins_code 
_ndb_struct_na_base_pair.hbond_type_28 
_ndb_struct_na_base_pair.hbond_type_12 
1 A C 1 1_555 A G 6 5_555 0.184  -0.195 0.189 -2.229 -7.943  -0.143 1 A_C1:G6_A A 1 ? A 6 ? 19 1 
1 A G 2 1_555 A C 5 5_555 -0.452 -0.268 0.135 -4.570 -21.204 3.891  2 A_G2:C5_A A 2 ? A 5 ? 19 1 
1 A U 3 1_555 A A 4 5_555 0.138  -0.275 0.279 -6.662 -15.620 3.883  3 A_U3:A4_A A 3 ? A 4 ? 20 1 
# 
loop_
_ndb_struct_na_base_pair_step.model_number 
_ndb_struct_na_base_pair_step.i_label_asym_id_1 
_ndb_struct_na_base_pair_step.i_label_comp_id_1 
_ndb_struct_na_base_pair_step.i_label_seq_id_1 
_ndb_struct_na_base_pair_step.i_symmetry_1 
_ndb_struct_na_base_pair_step.j_label_asym_id_1 
_ndb_struct_na_base_pair_step.j_label_comp_id_1 
_ndb_struct_na_base_pair_step.j_label_seq_id_1 
_ndb_struct_na_base_pair_step.j_symmetry_1 
_ndb_struct_na_base_pair_step.i_label_asym_id_2 
_ndb_struct_na_base_pair_step.i_label_comp_id_2 
_ndb_struct_na_base_pair_step.i_label_seq_id_2 
_ndb_struct_na_base_pair_step.i_symmetry_2 
_ndb_struct_na_base_pair_step.j_label_asym_id_2 
_ndb_struct_na_base_pair_step.j_label_comp_id_2 
_ndb_struct_na_base_pair_step.j_label_seq_id_2 
_ndb_struct_na_base_pair_step.j_symmetry_2 
_ndb_struct_na_base_pair_step.shift 
_ndb_struct_na_base_pair_step.slide 
_ndb_struct_na_base_pair_step.rise 
_ndb_struct_na_base_pair_step.tilt 
_ndb_struct_na_base_pair_step.roll 
_ndb_struct_na_base_pair_step.twist 
_ndb_struct_na_base_pair_step.x_displacement 
_ndb_struct_na_base_pair_step.y_displacement 
_ndb_struct_na_base_pair_step.helical_rise 
_ndb_struct_na_base_pair_step.inclination 
_ndb_struct_na_base_pair_step.tip 
_ndb_struct_na_base_pair_step.helical_twist 
_ndb_struct_na_base_pair_step.step_number 
_ndb_struct_na_base_pair_step.step_name 
_ndb_struct_na_base_pair_step.i_auth_asym_id_1 
_ndb_struct_na_base_pair_step.i_auth_seq_id_1 
_ndb_struct_na_base_pair_step.i_PDB_ins_code_1 
_ndb_struct_na_base_pair_step.j_auth_asym_id_1 
_ndb_struct_na_base_pair_step.j_auth_seq_id_1 
_ndb_struct_na_base_pair_step.j_PDB_ins_code_1 
_ndb_struct_na_base_pair_step.i_auth_asym_id_2 
_ndb_struct_na_base_pair_step.i_auth_seq_id_2 
_ndb_struct_na_base_pair_step.i_PDB_ins_code_2 
_ndb_struct_na_base_pair_step.j_auth_asym_id_2 
_ndb_struct_na_base_pair_step.j_auth_seq_id_2 
_ndb_struct_na_base_pair_step.j_PDB_ins_code_2 
1 A C 1 1_555 A G 6 5_555 A G 2 1_555 A C 5 5_555 0.499 -1.739 3.123 0.890  11.302 29.730 -4.966 -0.770 2.336 21.086 -1.660 31.773 
1 AA_C1G2:C5G6_AA A 1 ? A 6 ? A 2 ? A 5 ? 
1 A G 2 1_555 A C 5 5_555 A U 3 1_555 A A 4 5_555 0.035 -1.312 3.308 -0.824 5.320  36.717 -2.762 -0.163 3.093 8.390  1.300  37.096 
2 AA_G2U3:A4C5_AA A 2 ? A 5 ? A 3 ? A 4 ? 
# 
_atom_sites.entry_id                    4JIY 
_atom_sites.fract_transf_matrix[1][1]   -0.00033962 
_atom_sites.fract_transf_matrix[1][2]   -0.00805269 
_atom_sites.fract_transf_matrix[1][3]   -0.02031990 
_atom_sites.fract_transf_matrix[2][1]   0.01969010 
_atom_sites.fract_transf_matrix[2][2]   -0.00893547 
_atom_sites.fract_transf_matrix[2][3]   0.00321199 
_atom_sites.fract_transf_matrix[3][1]   -0.00948916 
_atom_sites.fract_transf_matrix[3][2]   -0.01825297 
_atom_sites.fract_transf_matrix[3][3]   0.00739218 
_atom_sites.fract_transf_vector[1]      1.012007 
_atom_sites.fract_transf_vector[2]      0.888493 
_atom_sites.fract_transf_vector[3]      0.807910 
# 
loop_
_atom_type.symbol 
C  
FE 
N  
O  
P  
# 
loop_
_atom_site.group_PDB 
_atom_site.id 
_atom_site.type_symbol 
_atom_site.label_atom_id 
_atom_site.label_alt_id 
_atom_site.label_comp_id 
_atom_site.label_asym_id 
_atom_site.label_entity_id 
_atom_site.label_seq_id 
_atom_site.pdbx_PDB_ins_code 
_atom_site.Cartn_x 
_atom_site.Cartn_y 
_atom_site.Cartn_z 
_atom_site.occupancy 
_atom_site.B_iso_or_equiv 
_atom_site.pdbx_formal_charge 
_atom_site.auth_seq_id 
_atom_site.auth_comp_id 
_atom_site.auth_asym_id 
_atom_site.auth_atom_id 
_atom_site.pdbx_PDB_model_num 
ATOM   1   O  "O5'" . C   A 1 1 ? 2.967   10.422  2.307   1.00 78.11 ? 1   C   A "O5'" 1 
ATOM   2   C  "C5'" . C   A 1 1 ? 2.785   11.280  1.177   1.00 59.40 ? 1   C   A "C5'" 1 
ATOM   3   C  "C4'" . C   A 1 1 ? 3.291   10.649  -0.106  1.00 67.32 ? 1   C   A "C4'" 1 
ATOM   4   O  "O4'" . C   A 1 1 ? 4.712   10.343  0.034   1.00 61.54 ? 1   C   A "O4'" 1 
ATOM   5   C  "C3'" . C   A 1 1 ? 2.682   9.325   -0.539  1.00 64.33 ? 1   C   A "C3'" 1 
ATOM   6   O  "O3'" . C   A 1 1 ? 1.443   9.485   -1.222  1.00 71.06 ? 1   C   A "O3'" 1 
ATOM   7   C  "C2'" . C   A 1 1 ? 3.758   8.761   -1.436  1.00 62.40 ? 1   C   A "C2'" 1 
ATOM   8   O  "O2'" . C   A 1 1 ? 3.794   9.472   -2.664  1.00 69.17 ? 1   C   A "O2'" 1 
ATOM   9   C  "C1'" . C   A 1 1 ? 5.006   9.147   -0.672  1.00 59.25 ? 1   C   A "C1'" 1 
ATOM   10  N  N1    . C   A 1 1 ? 5.426   8.142   0.321   1.00 51.06 ? 1   C   A N1    1 
ATOM   11  C  C2    . C   A 1 1 ? 6.025   6.977   -0.139  1.00 56.86 ? 1   C   A C2    1 
ATOM   12  O  O2    . C   A 1 1 ? 6.192   6.815   -1.371  1.00 49.75 ? 1   C   A O2    1 
ATOM   13  N  N3    . C   A 1 1 ? 6.416   6.045   0.768   1.00 47.24 ? 1   C   A N3    1 
ATOM   14  C  C4    . C   A 1 1 ? 6.215   6.268   2.068   1.00 45.09 ? 1   C   A C4    1 
ATOM   15  N  N4    . C   A 1 1 ? 6.621   5.307   2.912   1.00 40.48 ? 1   C   A N4    1 
ATOM   16  C  C5    . C   A 1 1 ? 5.592   7.463   2.567   1.00 46.00 ? 1   C   A C5    1 
ATOM   17  C  C6    . C   A 1 1 ? 5.219   8.363   1.644   1.00 40.86 ? 1   C   A C6    1 
ATOM   18  P  P     . G   A 1 2 ? 0.346   8.319   -1.138  1.00 77.24 ? 2   G   A P     1 
ATOM   19  O  OP1   . G   A 1 2 ? -0.824  8.787   -1.933  1.00 87.44 ? 2   G   A OP1   1 
ATOM   20  O  OP2   . G   A 1 2 ? 0.109   7.937   0.284   1.00 68.11 ? 2   G   A OP2   1 
ATOM   21  O  "O5'" . G   A 1 2 ? 0.956   7.077   -1.913  1.00 72.16 ? 2   G   A "O5'" 1 
ATOM   22  C  "C5'" . G   A 1 2 ? 1.257   7.137   -3.310  1.00 61.67 ? 2   G   A "C5'" 1 
ATOM   23  C  "C4'" . G   A 1 2 ? 1.968   5.891   -3.764  1.00 62.08 ? 2   G   A "C4'" 1 
ATOM   24  O  "O4'" . G   A 1 2 ? 3.230   5.805   -3.032  1.00 55.12 ? 2   G   A "O4'" 1 
ATOM   25  C  "C3'" . G   A 1 2 ? 1.320   4.554   -3.493  1.00 60.24 ? 2   G   A "C3'" 1 
ATOM   26  O  "O3'" . G   A 1 2 ? 0.332   4.191   -4.448  1.00 56.54 ? 2   G   A "O3'" 1 
ATOM   27  C  "C2'" . G   A 1 2 ? 2.513   3.618   -3.564  1.00 55.73 ? 2   G   A "C2'" 1 
ATOM   28  O  "O2'" . G   A 1 2 ? 2.910   3.574   -4.943  1.00 52.37 ? 2   G   A "O2'" 1 
ATOM   29  C  "C1'" . G   A 1 2 ? 3.584   4.432   -2.863  1.00 57.37 ? 2   G   A "C1'" 1 
ATOM   30  N  N9    . G   A 1 2 ? 3.729   4.200   -1.404  1.00 48.09 ? 2   G   A N9    1 
ATOM   31  C  C8    . G   A 1 2 ? 3.316   4.957   -0.341  1.00 46.27 ? 2   G   A C8    1 
ATOM   32  N  N7    . G   A 1 2 ? 3.632   4.416   0.818   1.00 44.21 ? 2   G   A N7    1 
ATOM   33  C  C5    . G   A 1 2 ? 4.291   3.234   0.480   1.00 45.71 ? 2   G   A C5    1 
ATOM   34  C  C6    . G   A 1 2 ? 4.868   2.218   1.291   1.00 37.00 ? 2   G   A C6    1 
ATOM   35  O  O6    . G   A 1 2 ? 4.901   2.181   2.534   1.00 42.16 ? 2   G   A O6    1 
ATOM   36  N  N1    . G   A 1 2 ? 5.421   1.213   0.529   1.00 41.71 ? 2   G   A N1    1 
ATOM   37  C  C2    . G   A 1 2 ? 5.429   1.175   -0.847  1.00 46.14 ? 2   G   A C2    1 
ATOM   38  N  N2    . G   A 1 2 ? 6.002   0.137   -1.476  1.00 44.49 ? 2   G   A N2    1 
ATOM   39  N  N3    . G   A 1 2 ? 4.899   2.109   -1.606  1.00 47.49 ? 2   G   A N3    1 
ATOM   40  C  C4    . G   A 1 2 ? 4.355   3.091   -0.886  1.00 42.07 ? 2   G   A C4    1 
ATOM   41  P  P     . U   A 1 3 ? -0.784  3.124   -4.008  1.00 64.02 ? 3   U   A P     1 
ATOM   42  O  OP1   . U   A 1 3 ? -1.625  2.874   -5.211  1.00 50.65 ? 3   U   A OP1   1 
ATOM   43  O  OP2   . U   A 1 3 ? -1.406  3.596   -2.743  1.00 72.55 ? 3   U   A OP2   1 
ATOM   44  O  "O5'" . U   A 1 3 ? -0.079  1.728   -3.775  1.00 57.61 ? 3   U   A "O5'" 1 
ATOM   45  C  "C5'" . U   A 1 3 ? 0.599   1.106   -4.874  1.00 47.96 ? 3   U   A "C5'" 1 
ATOM   46  C  "C4'" . U   A 1 3 ? 1.191   -0.188  -4.414  1.00 51.48 ? 3   U   A "C4'" 1 
ATOM   47  O  "O4'" . U   A 1 3 ? 2.207   0.105   -3.430  1.00 55.22 ? 3   U   A "O4'" 1 
ATOM   48  C  "C3'" . U   A 1 3 ? 0.221   -1.132  -3.728  1.00 58.87 ? 3   U   A "C3'" 1 
ATOM   49  O  "O3'" . U   A 1 3 ? -0.485  -1.909  -4.681  1.00 55.59 ? 3   U   A "O3'" 1 
ATOM   50  C  "C2'" . U   A 1 3 ? 1.137   -1.952  -2.850  1.00 46.24 ? 3   U   A "C2'" 1 
ATOM   51  O  "O2'" . U   A 1 3 ? 1.744   -2.931  -3.693  1.00 57.68 ? 3   U   A "O2'" 1 
ATOM   52  C  "C1'" . U   A 1 3 ? 2.214   -0.947  -2.452  1.00 56.95 ? 3   U   A "C1'" 1 
ATOM   53  N  N1    . U   A 1 3 ? 2.057   -0.293  -1.118  1.00 45.46 ? 3   U   A N1    1 
ATOM   54  C  C2    . U   A 1 3 ? 2.614   -0.999  -0.080  1.00 41.97 ? 3   U   A C2    1 
ATOM   55  O  O2    . U   A 1 3 ? 3.180   -2.076  -0.238  1.00 47.30 ? 3   U   A O2    1 
ATOM   56  N  N3    . U   A 1 3 ? 2.479   -0.412  1.141   1.00 37.99 ? 3   U   A N3    1 
ATOM   57  C  C4    . U   A 1 3 ? 1.869   0.788   1.426   1.00 43.46 ? 3   U   A C4    1 
ATOM   58  O  O4    . U   A 1 3 ? 1.841   1.181   2.606   1.00 41.41 ? 3   U   A O4    1 
ATOM   59  C  C5    . U   A 1 3 ? 1.313   1.478   0.281   1.00 46.73 ? 3   U   A C5    1 
ATOM   60  C  C6    . U   A 1 3 ? 1.433   0.908   -0.936  1.00 43.11 ? 3   U   A C6    1 
ATOM   61  P  P     . A   A 1 4 ? -2.002  -2.427  -4.484  1.00 56.36 ? 4   A   A P     1 
ATOM   62  O  OP1   . A   A 1 4 ? -2.465  -3.053  -5.768  1.00 66.91 ? 4   A   A OP1   1 
ATOM   63  O  OP2   . A   A 1 4 ? -2.836  -1.360  -3.893  1.00 57.97 ? 4   A   A OP2   1 
ATOM   64  O  "O5'" . A   A 1 4 ? -1.866  -3.601  -3.419  1.00 52.20 ? 4   A   A "O5'" 1 
ATOM   65  C  "C5'" . A   A 1 4 ? -1.109  -4.788  -3.707  1.00 57.23 ? 4   A   A "C5'" 1 
ATOM   66  C  "C4'" . A   A 1 4 ? -1.616  -5.922  -2.853  1.00 55.60 ? 4   A   A "C4'" 1 
ATOM   67  O  "O4'" . A   A 1 4 ? -1.403  -5.563  -1.457  1.00 52.50 ? 4   A   A "O4'" 1 
ATOM   68  C  "C3'" . A   A 1 4 ? -3.091  -6.253  -2.920  1.00 49.04 ? 4   A   A "C3'" 1 
ATOM   69  O  "O3'" . A   A 1 4 ? -3.424  -7.060  -4.037  1.00 46.40 ? 4   A   A "O3'" 1 
ATOM   70  C  "C2'" . A   A 1 4 ? -3.284  -6.974  -1.591  1.00 52.86 ? 4   A   A "C2'" 1 
ATOM   71  O  "O2'" . A   A 1 4 ? -2.594  -8.231  -1.689  1.00 55.74 ? 4   A   A "O2'" 1 
ATOM   72  C  "C1'" . A   A 1 4 ? -2.479  -6.097  -0.658  1.00 50.45 ? 4   A   A "C1'" 1 
ATOM   73  N  N9    . A   A 1 4 ? -3.110  -4.894  -0.050  1.00 43.67 ? 4   A   A N9    1 
ATOM   74  C  C8    . A   A 1 4 ? -2.985  -3.587  -0.430  1.00 46.25 ? 4   A   A C8    1 
ATOM   75  N  N7    . A   A 1 4 ? -3.672  -2.769  0.326   1.00 39.66 ? 4   A   A N7    1 
ATOM   76  C  C5    . A   A 1 4 ? -4.273  -3.601  1.256   1.00 45.23 ? 4   A   A C5    1 
ATOM   77  C  C6    . A   A 1 4 ? -5.135  -3.379  2.343   1.00 47.29 ? 4   A   A C6    1 
ATOM   78  N  N6    . A   A 1 4 ? -5.597  -2.183  2.738   1.00 41.45 ? 4   A   A N6    1 
ATOM   79  N  N1    . A   A 1 4 ? -5.525  -4.475  3.035   1.00 40.12 ? 4   A   A N1    1 
ATOM   80  C  C2    . A   A 1 4 ? -5.115  -5.687  2.709   1.00 40.65 ? 4   A   A C2    1 
ATOM   81  N  N3    . A   A 1 4 ? -4.310  -6.022  1.713   1.00 49.54 ? 4   A   A N3    1 
ATOM   82  C  C4    . A   A 1 4 ? -3.934  -4.916  1.035   1.00 49.00 ? 4   A   A C4    1 
ATOM   83  P  P     . C   A 1 5 ? -4.837  -7.027  -4.770  1.00 51.04 ? 5   C   A P     1 
ATOM   84  O  OP1   . C   A 1 5 ? -4.675  -7.980  -5.927  1.00 67.70 ? 5   C   A OP1   1 
ATOM   85  O  OP2   . C   A 1 5 ? -5.216  -5.628  -5.102  1.00 60.13 ? 5   C   A OP2   1 
ATOM   86  O  "O5'" . C   A 1 5 ? -5.933  -7.650  -3.814  1.00 46.69 ? 5   C   A "O5'" 1 
ATOM   87  C  "C5'" . C   A 1 5 ? -5.797  -8.989  -3.308  1.00 50.03 ? 5   C   A "C5'" 1 
ATOM   88  C  "C4'" . C   A 1 5 ? -6.735  -9.205  -2.159  1.00 54.46 ? 5   C   A "C4'" 1 
ATOM   89  O  "O4'" . C   A 1 5 ? -6.276  -8.446  -1.003  1.00 54.83 ? 5   C   A "O4'" 1 
ATOM   90  C  "C3'" . C   A 1 5 ? -8.153  -8.717  -2.348  1.00 55.22 ? 5   C   A "C3'" 1 
ATOM   91  O  "O3'" . C   A 1 5 ? -8.946  -9.640  -3.063  1.00 52.16 ? 5   C   A "O3'" 1 
ATOM   92  C  "C2'" . C   A 1 5 ? -8.645  -8.575  -0.925  1.00 50.99 ? 5   C   A "C2'" 1 
ATOM   93  O  "O2'" . C   A 1 5 ? -8.735  -9.935  -0.493  1.00 55.68 ? 5   C   A "O2'" 1 
ATOM   94  C  "C1'" . C   A 1 5 ? -7.396  -7.980  -0.273  1.00 58.99 ? 5   C   A "C1'" 1 
ATOM   95  N  N1    . C   A 1 5 ? -7.403  -6.497  -0.273  1.00 53.51 ? 5   C   A N1    1 
ATOM   96  C  C2    . C   A 1 5 ? -8.093  -5.888  0.782   1.00 45.71 ? 5   C   A C2    1 
ATOM   97  O  O2    . C   A 1 5 ? -8.632  -6.640  1.613   1.00 43.85 ? 5   C   A O2    1 
ATOM   98  N  N3    . C   A 1 5 ? -8.137  -4.542  0.833   1.00 43.60 ? 5   C   A N3    1 
ATOM   99  C  C4    . C   A 1 5 ? -7.531  -3.792  -0.096  1.00 42.89 ? 5   C   A C4    1 
ATOM   100 N  N4    . C   A 1 5 ? -7.627  -2.468  0.038   1.00 40.58 ? 5   C   A N4    1 
ATOM   101 C  C5    . C   A 1 5 ? -6.831  -4.399  -1.174  1.00 45.63 ? 5   C   A C5    1 
ATOM   102 C  C6    . C   A 1 5 ? -6.789  -5.750  -1.225  1.00 43.03 ? 5   C   A C6    1 
ATOM   103 P  P     . G   A 1 6 ? -10.198 -9.147  -3.933  1.00 55.52 ? 6   G   A P     1 
ATOM   104 O  OP1   . G   A 1 6 ? -10.622 -10.320 -4.734  1.00 60.66 ? 6   G   A OP1   1 
ATOM   105 O  OP2   . G   A 1 6 ? -9.766  -7.913  -4.637  1.00 51.73 ? 6   G   A OP2   1 
ATOM   106 O  "O5'" . G   A 1 6 ? -11.317 -8.784  -2.848  1.00 49.32 ? 6   G   A "O5'" 1 
ATOM   107 C  "C5'" . G   A 1 6 ? -11.736 -9.765  -1.899  1.00 44.76 ? 6   G   A "C5'" 1 
ATOM   108 C  "C4'" . G   A 1 6 ? -12.912 -9.277  -1.095  1.00 51.07 ? 6   G   A "C4'" 1 
ATOM   109 O  "O4'" . G   A 1 6 ? -12.311 -8.414  -0.074  1.00 49.26 ? 6   G   A "O4'" 1 
ATOM   110 C  "C3'" . G   A 1 6 ? -13.977 -8.407  -1.718  1.00 50.65 ? 6   G   A "C3'" 1 
ATOM   111 O  "O3'" . G   A 1 6 ? -15.059 -9.148  -2.282  1.00 53.44 ? 6   G   A "O3'" 1 
ATOM   112 C  "C2'" . G   A 1 6 ? -14.460 -7.565  -0.548  1.00 49.43 ? 6   G   A "C2'" 1 
ATOM   113 O  "O2'" . G   A 1 6 ? -15.356 -8.371  0.210   1.00 54.39 ? 6   G   A "O2'" 1 
ATOM   114 C  "C1'" . G   A 1 6 ? -13.178 -7.332  0.240   1.00 55.58 ? 6   G   A "C1'" 1 
ATOM   115 N  N9    . G   A 1 6 ? -12.429 -6.072  -0.065  1.00 50.99 ? 6   G   A N9    1 
ATOM   116 C  C8    . G   A 1 6 ? -11.423 -5.848  -0.974  1.00 44.36 ? 6   G   A C8    1 
ATOM   117 N  N7    . G   A 1 6 ? -10.993 -4.612  -0.975  1.00 40.52 ? 6   G   A N7    1 
ATOM   118 C  C5    . G   A 1 6 ? -11.773 -3.997  -0.001  1.00 40.56 ? 6   G   A C5    1 
ATOM   119 C  C6    . G   A 1 6 ? -11.773 -2.646  0.458   1.00 43.39 ? 6   G   A C6    1 
ATOM   120 O  O6    . G   A 1 6 ? -11.049 -1.726  0.062   1.00 42.58 ? 6   G   A O6    1 
ATOM   121 N  N1    . G   A 1 6 ? -12.717 -2.457  1.448   1.00 41.26 ? 6   G   A N1    1 
ATOM   122 C  C2    . G   A 1 6 ? -13.573 -3.410  1.961   1.00 47.11 ? 6   G   A C2    1 
ATOM   123 N  N2    . G   A 1 6 ? -14.427 -3.026  2.928   1.00 44.99 ? 6   G   A N2    1 
ATOM   124 N  N3    . G   A 1 6 ? -13.589 -4.666  1.548   1.00 42.88 ? 6   G   A N3    1 
ATOM   125 C  C4    . G   A 1 6 ? -12.662 -4.874  0.571   1.00 45.66 ? 6   G   A C4    1 
HETATM 126 N  N11   . NPM B 2 . ? 11.998  4.830   5.352   1.00 41.39 ? 101 NPM A N11   1 
HETATM 127 N  N12   . NPM B 2 . ? 11.684  4.605   2.854   1.00 36.95 ? 101 NPM A N12   1 
HETATM 128 N  N13   . NPM B 2 . ? 11.250  9.507   -5.482  1.00 51.03 ? 101 NPM A N13   1 
HETATM 129 N  N14   . NPM B 2 . ? 11.495  11.788  -6.608  1.00 60.67 ? 101 NPM A N14   1 
HETATM 130 C  C1A   . NPM B 2 . ? 12.222  4.981   6.674   1.00 40.46 ? 101 NPM A C1A   1 
HETATM 131 C  C1B   . NPM B 2 . ? 11.283  4.717   7.684   1.00 49.93 ? 101 NPM A C1B   1 
HETATM 132 C  C1C   . NPM B 2 . ? 10.068  4.247   7.322   1.00 46.63 ? 101 NPM A C1C   1 
HETATM 133 C  C1D   . NPM B 2 . ? 9.799   4.124   5.969   1.00 46.14 ? 101 NPM A C1D   1 
HETATM 134 C  C1E   . NPM B 2 . ? 10.769  4.373   5.020   1.00 39.56 ? 101 NPM A C1E   1 
HETATM 135 C  C1F   . NPM B 2 . ? 10.611  4.291   3.560   1.00 35.53 ? 101 NPM A C1F   1 
HETATM 136 C  C1G   . NPM B 2 . ? 11.524  4.582   1.393   1.00 38.90 ? 101 NPM A C1G   1 
HETATM 137 C  C1H   . NPM B 2 . ? 12.166  3.611   0.678   1.00 41.05 ? 101 NPM A C1H   1 
HETATM 138 C  C1I   . NPM B 2 . ? 12.057  3.571   -0.733  1.00 36.99 ? 101 NPM A C1I   1 
HETATM 139 C  C1J   . NPM B 2 . ? 11.267  4.473   -1.397  1.00 41.54 ? 101 NPM A C1J   1 
HETATM 140 C  C1K   . NPM B 2 . ? 10.610  5.473   -0.662  1.00 39.79 ? 101 NPM A C1K   1 
HETATM 141 C  C1L   . NPM B 2 . ? 10.768  5.542   0.729   1.00 39.47 ? 101 NPM A C1L   1 
HETATM 142 C  C1M   . NPM B 2 . ? 11.160  4.378   -2.914  1.00 40.33 ? 101 NPM A C1M   1 
HETATM 143 C  C1N   . NPM B 2 . ? 11.215  5.746   -3.574  1.00 42.96 ? 101 NPM A C1N   1 
HETATM 144 C  C1O   . NPM B 2 . ? 10.272  6.111   -4.487  1.00 48.86 ? 101 NPM A C1O   1 
HETATM 145 C  C1P   . NPM B 2 . ? 10.276  7.337   -5.130  1.00 41.58 ? 101 NPM A C1P   1 
HETATM 146 C  C1Q   . NPM B 2 . ? 11.250  8.218   -4.796  1.00 41.96 ? 101 NPM A C1Q   1 
HETATM 147 C  C1R   . NPM B 2 . ? 12.200  7.883   -3.905  1.00 39.47 ? 101 NPM A C1R   1 
HETATM 148 C  C1S   . NPM B 2 . ? 12.199  6.654   -3.295  1.00 38.20 ? 101 NPM A C1S   1 
HETATM 149 C  C1T   . NPM B 2 . ? 12.034  9.523   -6.514  1.00 48.04 ? 101 NPM A C1T   1 
HETATM 150 C  C1U   . NPM B 2 . ? 12.343  10.815  -7.064  1.00 55.75 ? 101 NPM A C1U   1 
HETATM 151 C  C1V   . NPM B 2 . ? 13.389  11.058  -7.961  1.00 63.49 ? 101 NPM A C1V   1 
HETATM 152 C  C1W   . NPM B 2 . ? 13.550  12.363  -8.398  1.00 69.34 ? 101 NPM A C1W   1 
HETATM 153 C  C1X   . NPM B 2 . ? 12.687  13.337  -7.911  1.00 68.29 ? 101 NPM A C1X   1 
HETATM 154 C  C1Y   . NPM B 2 . ? 11.666  13.026  -7.037  1.00 65.53 ? 101 NPM A C1Y   1 
HETATM 155 FE FE    . FE2 C 3 . ? 13.230  5.317   3.871   0.33 38.18 ? 102 FE2 A FE    1 
HETATM 156 FE FE    . FE2 D 3 . ? 10.053  11.085  -5.451  0.33 52.28 ? 103 FE2 A FE    1 
HETATM 157 N  N11   . NPM E 2 . ? -3.332  1.086   8.364   1.00 41.97 ? 104 NPM A N11   1 
HETATM 158 N  N12   . NPM E 2 . ? -1.403  -0.543  8.402   1.00 38.87 ? 104 NPM A N12   1 
HETATM 159 N  N13   . NPM E 2 . ? 2.312   -8.455  4.234   1.00 45.79 ? 104 NPM A N13   1 
HETATM 160 N  N14   . NPM E 2 . ? 2.103   -10.306 2.461   1.00 57.87 ? 104 NPM A N14   1 
HETATM 161 C  C1A   . NPM E 2 . ? -4.320  1.990   8.248   1.00 43.67 ? 104 NPM A C1A   1 
HETATM 162 C  C1B   . NPM E 2 . ? -5.187  2.240   9.320   1.00 50.38 ? 104 NPM A C1B   1 
HETATM 163 C  C1C   . NPM E 2 . ? -5.046  1.581   10.491  1.00 51.25 ? 104 NPM A C1C   1 
HETATM 164 C  C1D   . NPM E 2 . ? -4.065  0.603   10.583  1.00 50.98 ? 104 NPM A C1D   1 
HETATM 165 C  C1E   . NPM E 2 . ? -3.196  0.421   9.541   1.00 43.57 ? 104 NPM A C1E   1 
HETATM 166 C  C1F   . NPM E 2 . ? -2.045  -0.479  9.536   1.00 36.47 ? 104 NPM A C1F   1 
HETATM 167 C  C1G   . NPM E 2 . ? -0.332  -1.530  8.364   1.00 38.04 ? 104 NPM A C1G   1 
HETATM 168 C  C1H   . NPM E 2 . ? 0.979   -1.099  8.393   1.00 36.08 ? 104 NPM A C1H   1 
HETATM 169 C  C1I   . NPM E 2 . ? 2.003   -2.043  8.297   1.00 35.74 ? 104 NPM A C1I   1 
HETATM 170 C  C1J   . NPM E 2 . ? 1.750   -3.390  8.276   1.00 39.15 ? 104 NPM A C1J   1 
HETATM 171 C  C1K   . NPM E 2 . ? 0.399   -3.797  8.257   1.00 40.81 ? 104 NPM A C1K   1 
HETATM 172 C  C1L   . NPM E 2 . ? -0.638  -2.871  8.240   1.00 35.13 ? 104 NPM A C1L   1 
HETATM 173 C  C1M   . NPM E 2 . ? 2.874   -4.424  8.320   1.00 40.55 ? 104 NPM A C1M   1 
HETATM 174 C  C1N   . NPM E 2 . ? 2.740   -5.506  7.258   1.00 40.49 ? 104 NPM A C1N   1 
HETATM 175 C  C1O   . NPM E 2 . ? 2.980   -6.833  7.510   1.00 45.07 ? 104 NPM A C1O   1 
HETATM 176 C  C1P   . NPM E 2 . ? 2.867   -7.841  6.567   1.00 40.40 ? 104 NPM A C1P   1 
HETATM 177 C  C1Q   . NPM E 2 . ? 2.471   -7.470  5.310   1.00 44.37 ? 104 NPM A C1Q   1 
HETATM 178 C  C1R   . NPM E 2 . ? 2.240   -6.163  5.055   1.00 47.19 ? 104 NPM A C1R   1 
HETATM 179 C  C1S   . NPM E 2 . ? 2.368   -5.161  5.989   1.00 36.17 ? 104 NPM A C1S   1 
HETATM 180 C  C1T   . NPM E 2 . ? 3.336   -8.585  3.466   1.00 47.73 ? 104 NPM A C1T   1 
HETATM 181 C  C1U   . NPM E 2 . ? 3.186   -9.481  2.339   1.00 59.85 ? 104 NPM A C1U   1 
HETATM 182 C  C1V   . NPM E 2 . ? 4.038   -9.532  1.228   1.00 55.14 ? 104 NPM A C1V   1 
HETATM 183 C  C1W   . NPM E 2 . ? 3.747   -10.436 0.227   1.00 63.31 ? 104 NPM A C1W   1 
HETATM 184 C  C1X   . NPM E 2 . ? 2.650   -11.267 0.390   1.00 67.72 ? 104 NPM A C1X   1 
HETATM 185 C  C1Y   . NPM E 2 . ? 1.820   -11.154 1.484   1.00 65.05 ? 104 NPM A C1Y   1 
HETATM 186 FE FE    . FE2 F 3 . ? -1.987  0.700   6.967   0.33 40.70 ? 105 FE2 A FE    1 
HETATM 187 FE FE    . FE2 G 3 . ? 0.983   -9.915  4.040   0.33 47.17 ? 106 FE2 A FE    1 
HETATM 188 O  O     . HOH H 4 . ? -4.314  0.148   1.047   1.00 46.78 ? 201 HOH A O     1 
HETATM 189 O  O     . HOH H 4 . ? -5.318  3.233   0.220   1.00 63.32 ? 202 HOH A O     1 
HETATM 190 O  O     . HOH H 4 . ? -4.370  -8.734  1.337   1.00 53.83 ? 203 HOH A O     1 
HETATM 191 O  O     . HOH H 4 . ? 3.840   3.297   4.700   1.00 45.31 ? 204 HOH A O     1 
HETATM 192 O  O     . HOH H 4 . ? -16.338 -4.989  4.056   1.00 57.85 ? 205 HOH A O     1 
HETATM 193 O  O     . HOH H 4 . ? -2.010  -0.334  -1.164  0.50 48.57 ? 206 HOH A O     1 
HETATM 194 O  O     . HOH H 4 . ? 14.612  2.807   7.927   0.33 54.06 ? 207 HOH A O     1 
HETATM 195 O  O     . HOH H 4 . ? 3.678   6.743   6.063   1.00 66.58 ? 208 HOH A O     1 
HETATM 196 O  O     . HOH H 4 . ? 12.381  1.162   7.757   1.00 53.65 ? 209 HOH A O     1 
HETATM 197 O  O     . HOH H 4 . ? 10.221  0.703   6.022   1.00 54.62 ? 210 HOH A O     1 
HETATM 198 O  O     . HOH H 4 . ? -5.338  -3.315  -3.698  1.00 63.68 ? 211 HOH A O     1 
HETATM 199 O  O     . HOH H 4 . ? -6.521  -0.258  -1.659  1.00 49.26 ? 212 HOH A O     1 
HETATM 200 O  O     . HOH H 4 . ? -7.116  1.454   -0.051  1.00 63.63 ? 213 HOH A O     1 
HETATM 201 O  O     . HOH H 4 . ? 11.238  0.542   2.988   1.00 47.37 ? 214 HOH A O     1 
HETATM 202 O  O     . HOH H 4 . ? 6.587   6.052   5.580   1.00 55.73 ? 215 HOH A O     1 
HETATM 203 O  O     . HOH H 4 . ? -9.700  4.887   -1.598  1.00 50.41 ? 216 HOH A O     1 
HETATM 204 O  O     . HOH H 4 . ? 2.292   5.324   3.271   1.00 72.25 ? 217 HOH A O     1 
HETATM 205 O  O     . HOH H 4 . ? 0.383   3.062   3.008   0.50 46.44 ? 218 HOH A O     1 
HETATM 206 O  O     . HOH H 4 . ? -10.727 -12.679 -6.548  0.50 56.73 ? 219 HOH A O     1 
HETATM 207 O  O     . HOH H 4 . ? -6.948  14.924  -0.825  0.50 60.30 ? 220 HOH A O     1 
HETATM 208 O  O     . HOH H 4 . ? -0.755  4.772   1.806   0.50 61.91 ? 221 HOH A O     1 
HETATM 209 O  O     . HOH H 4 . ? -2.941  3.703   -1.038  0.50 70.55 ? 222 HOH A O     1 
HETATM 210 O  O     . HOH H 4 . ? -4.856  2.697   -3.276  0.50 52.38 ? 223 HOH A O     1 
HETATM 211 O  O     . HOH H 4 . ? 11.980  -2.205  3.797   0.50 48.67 ? 224 HOH A O     1 
HETATM 212 O  O     . HOH H 4 . ? -3.125  -7.505  -10.722 0.50 54.34 ? 225 HOH A O     1 
HETATM 213 O  O     . HOH H 4 . ? -7.587  -8.144  -6.893  0.50 49.28 ? 226 HOH A O     1 
HETATM 214 O  O     . HOH H 4 . ? -5.498  -6.351  -8.632  0.50 67.75 ? 227 HOH A O     1 
HETATM 215 O  O     . HOH H 4 . ? -3.656  10.195  -1.807  0.50 60.81 ? 228 HOH A O     1 
HETATM 216 O  O     . HOH H 4 . ? -4.739  16.828  -4.726  0.50 53.63 ? 229 HOH A O     1 
HETATM 217 O  O     . HOH H 4 . ? -4.787  13.184  -2.171  0.50 56.60 ? 230 HOH A O     1 
HETATM 218 O  O     . HOH H 4 . ? -3.240  10.861  -4.223  0.50 55.83 ? 231 HOH A O     1 
HETATM 219 O  O     . HOH H 4 . ? 6.118   -1.096  -4.068  1.00 67.00 ? 232 HOH A O     1 
HETATM 220 O  O     . HOH H 4 . ? 2.064   -7.587  -2.175  1.00 85.58 ? 233 HOH A O     1 
HETATM 221 O  O     . HOH H 4 . ? 4.226   -4.666  -0.419  1.00 67.22 ? 234 HOH A O     1 
HETATM 222 O  O     . HOH H 4 . ? 5.383   1.047   -4.463  0.50 54.72 ? 235 HOH A O     1 
HETATM 223 O  O     . HOH H 4 . ? 6.629   -3.254  -2.962  1.00 61.64 ? 236 HOH A O     1 
HETATM 224 O  O     . HOH H 4 . ? -9.083  15.536  1.074   0.50 66.66 ? 237 HOH A O     1 
HETATM 225 O  O     . HOH H 4 . ? -18.695 -5.324  4.349   1.00 65.84 ? 238 HOH A O     1 
HETATM 226 O  O     . HOH H 4 . ? 5.739   7.185   -3.831  0.50 47.67 ? 239 HOH A O     1 
# 
loop_
_atom_site_anisotrop.id 
_atom_site_anisotrop.type_symbol 
_atom_site_anisotrop.pdbx_label_atom_id 
_atom_site_anisotrop.pdbx_label_alt_id 
_atom_site_anisotrop.pdbx_label_comp_id 
_atom_site_anisotrop.pdbx_label_asym_id 
_atom_site_anisotrop.pdbx_label_seq_id 
_atom_site_anisotrop.pdbx_PDB_ins_code 
_atom_site_anisotrop.U[1][1] 
_atom_site_anisotrop.U[2][2] 
_atom_site_anisotrop.U[3][3] 
_atom_site_anisotrop.U[1][2] 
_atom_site_anisotrop.U[1][3] 
_atom_site_anisotrop.U[2][3] 
_atom_site_anisotrop.pdbx_auth_seq_id 
_atom_site_anisotrop.pdbx_auth_comp_id 
_atom_site_anisotrop.pdbx_auth_asym_id 
_atom_site_anisotrop.pdbx_auth_atom_id 
18  P  P  . G   A 2 ? 0.6620 1.4728 0.7998 -0.1118 -0.1549 0.1918  2   G   A P  
41  P  P  . U   A 3 ? 0.6432 1.1553 0.6340 -0.1802 -0.1788 0.0741  3   U   A P  
61  P  P  . A   A 4 ? 0.6255 0.9725 0.5432 -0.1709 -0.1434 0.0136  4   A   A P  
83  P  P  . C   A 5 ? 0.5899 0.7641 0.5854 -0.0989 -0.0776 -0.0131 5   C   A P  
103 P  P  . G   A 6 ? 0.6692 0.7092 0.7312 -0.1640 -0.1291 0.0157  6   G   A P  
155 FE FE . FE2 C . ? 0.4788 0.4821 0.4896 -0.0026 0.0042  -0.0076 102 FE2 A FE 
156 FE FE . FE2 D . ? 0.7249 0.6812 0.5802 0.0345  -0.0558 0.1013  103 FE2 A FE 
186 FE FE . FE2 F . ? 0.4961 0.5544 0.4960 -0.0177 -0.0049 0.0174  105 FE2 A FE 
187 FE FE . FE2 G . ? 0.6280 0.5360 0.6282 0.0279  0.0077  -0.0275 106 FE2 A FE 
# 
